data_8UH3
#
_entry.id   8UH3
#
_cell.length_a   1.00
_cell.length_b   1.00
_cell.length_c   1.00
_cell.angle_alpha   90.00
_cell.angle_beta   90.00
_cell.angle_gamma   90.00
#
_symmetry.space_group_name_H-M   'P 1'
#
loop_
_entity.id
_entity.type
_entity.pdbx_description
1 polymer 'Guanine nucleotide-binding protein G(I)/G(S)/G(T) subunit beta-1'
2 polymer 'Guanine nucleotide-binding protein G(i) subunit alpha-1'
3 polymer '5-hydroxytryptamine receptor 1E'
4 polymer ScFv16
5 polymer 'Guanine nucleotide-binding protein G(I)/G(S)/G(O) subunit gamma-2'
6 non-polymer CHOLESTEROL
7 non-polymer Setiptiline
8 water water
#
loop_
_entity_poly.entity_id
_entity_poly.type
_entity_poly.pdbx_seq_one_letter_code
_entity_poly.pdbx_strand_id
1 'polypeptide(L)'
;MHHHHHHLEVLFQGPGSSGSELDQLRQEAEQLKNQIRDARKACADATLSQITNNIDPVGRIQMRTRRTLRGHLAKIYAMH
WGTDSRLLVSASQDGKLIIWDSYTTNKVHAIPLRSSWVMTCAYAPSGNYVACGGLDNICSIYNLKTREGNVRVSRELAGH
TGYLSCCRFLDDNQIVTSSGDTTCALWDIETGQQTTTFTGHTGDVMSLSLAPDTRLFVSGACDASAKLWDVREGMCRQTF
TGHESDINAICFFPNGNAFATGSDDATCRLFDLRADQELMTYSHDNIICGITSVSFSKSGRLLLAGYDDFNCNVWDALKA
DRAGVLAGHDNRVSCLGVTDDGMAVATGSWDSFLKIWN
;
B
2 'polypeptide(L)'
;MGCTLSAEDKAAVERSKMIDRNLREDGEKAAREVKLLLLGAGESGKSTIVKQMKIIHEAGYSEEECKQYKAVVYSNTIQS
IIAIIRAMGRLKIDFGDSARADDARQLFVLAGAAEEGFMTAELAGVIKRLWKDSGVQACFNRSREYQLNDSAAYYLNDLD
RIAQPNYIPTQQDVLRTRVKTTGIVETHFTFKDLHFKMFDVGGQRSERKKWIHCFEGVTAIIFCVALSDYDLVLAEDEEM
NRMHESMKLFDSICNNKWFTDTSIILFLNKKDLFEEKIKKSPLTICYPEYAGSNTYEEAAAYIQCQFEDLNKRKDTKEIY
THFTCATDTKNVQFVFDAVTDVIIKNNLKDCGLF
;
A
3 'polypeptide(L)'
;MNITNCTTEASMAIRPKTITEKMLICMTLVVITTLTTLLNLAVIMAIGTTKKLHQPANYLICSLAVTDLLVAVLVMPLSI
IYIVMDRWKLGYFLCEVWLSVDMTCCTCSIWHLCVIALDRYWAITNAIEYARKRTAKRAALMILTVWTISIFISMPPLFW
RSHRRLSPPPSQCTIQHDHVIYTIYSTLGAFYIPLTLILILYYRIYHAAKSLYQKRGSSRHLSNRSTDSQNSFASCKLTQ
TFCVSDFSTSDPTTEFEKFHASIRIPPFDNDLDHPGERQQISSTRERKAARILGLILGAFILSWLPFFIKELIVGLSIYT
VSSEVADFLTWLGYVNSLINPLLYTSFNEDFKLAFKKLIRCREHT
;
D
4 'polypeptide(L)'
;DVQLVESGGGLVQPGGSRKLSCSASGFAFSSFGMHWVRQAPEKGLEWVAYISSGSGTIYYADTVKGRFTISRDDPKNTLF
LQMTSLRSEDTAMYYCVRSIYYYGSSPFDFWGQGTTLTVSSGGGGSGGGGSGGGGSDIVMTQATSSVPVTPGESVSISCR
SSKSLLHSNGNTYLYWFLQRPGQSPQLLIYRMSNLASGVPDRFSGSGSGTAFTLTISRLEAEDVGVYYCMQHLEYPLTFG
AGTKLELKAAAHHHHHHHH
;
E
5 'polypeptide(L)' MASNNTASIAQARKLVEQLKMEANIDRIKVSKAAADLMAYCEAHAKEDPLLTPVPASENPFREKKFFCAIL G
#
loop_
_chem_comp.id
_chem_comp.type
_chem_comp.name
_chem_comp.formula
CLR non-polymer CHOLESTEROL 'C27 H46 O'
WOQ non-polymer Setiptiline 'C19 H19 N'
#
# COMPACT_ATOMS: atom_id res chain seq x y z
N LEU A 25 11.26 48.51 20.26
CA LEU A 25 10.36 48.03 19.23
C LEU A 25 11.02 46.97 18.37
N ARG A 26 10.75 46.99 17.07
CA ARG A 26 11.34 46.02 16.16
C ARG A 26 12.85 46.20 16.05
N GLN A 27 13.34 47.43 16.22
CA GLN A 27 14.80 47.63 16.22
C GLN A 27 15.45 46.93 17.41
N GLU A 28 14.76 46.88 18.56
CA GLU A 28 15.28 46.12 19.69
C GLU A 28 15.36 44.64 19.38
N ALA A 29 14.38 44.12 18.66
CA ALA A 29 14.44 42.73 18.24
C ALA A 29 15.66 42.55 17.39
N GLU A 30 15.76 43.37 16.38
CA GLU A 30 16.87 43.24 15.44
C GLU A 30 18.21 43.26 16.18
N GLN A 31 18.35 44.17 17.15
CA GLN A 31 19.58 44.23 17.94
C GLN A 31 19.80 42.95 18.72
N LEU A 32 18.72 42.39 19.29
CA LEU A 32 18.84 41.12 20.01
C LEU A 32 19.24 39.99 19.08
N LYS A 33 18.69 39.98 17.86
CA LYS A 33 19.10 38.98 16.87
C LYS A 33 20.58 39.11 16.54
N ASN A 34 21.05 40.34 16.35
CA ASN A 34 22.47 40.55 16.08
C ASN A 34 23.33 40.08 17.26
N GLN A 35 22.90 40.38 18.48
CA GLN A 35 23.66 39.97 19.65
C GLN A 35 23.71 38.45 19.78
N ILE A 36 22.59 37.78 19.54
CA ILE A 36 22.57 36.31 19.66
C ILE A 36 23.39 35.68 18.56
N ARG A 37 23.37 36.26 17.35
CA ARG A 37 24.22 35.75 16.28
C ARG A 37 25.69 35.93 16.63
N ASP A 38 26.06 37.08 17.22
CA ASP A 38 27.43 37.29 17.64
C ASP A 38 27.83 36.28 18.72
N ALA A 39 26.93 36.01 19.66
CA ALA A 39 27.21 35.03 20.70
C ALA A 39 27.43 33.64 20.12
N ARG A 40 26.57 33.24 19.17
CA ARG A 40 26.74 31.94 18.52
C ARG A 40 28.06 31.85 17.78
N LYS A 41 28.41 32.92 17.04
CA LYS A 41 29.67 32.91 16.29
C LYS A 41 30.87 32.86 17.23
N ALA A 42 30.80 33.59 18.34
CA ALA A 42 31.89 33.55 19.31
C ALA A 42 32.02 32.17 19.94
N CYS A 43 30.90 31.52 20.24
CA CYS A 43 30.94 30.19 20.83
C CYS A 43 31.35 29.12 19.83
N ALA A 44 31.21 29.37 18.53
CA ALA A 44 31.60 28.39 17.51
C ALA A 44 33.11 28.50 17.25
N ASP A 45 33.88 27.92 18.17
CA ASP A 45 35.33 27.97 18.05
C ASP A 45 35.84 27.07 16.93
N ALA A 46 35.31 25.84 16.84
CA ALA A 46 35.72 24.88 15.83
C ALA A 46 34.49 24.31 15.15
N THR A 47 34.71 23.32 14.28
CA THR A 47 33.63 22.70 13.53
C THR A 47 33.73 21.18 13.65
N LEU A 48 32.56 20.53 13.58
CA LEU A 48 32.50 19.08 13.70
C LEU A 48 33.37 18.40 12.66
N SER A 49 33.48 18.98 11.46
CA SER A 49 34.30 18.37 10.41
C SER A 49 35.74 18.22 10.85
N GLN A 50 36.35 19.30 11.34
CA GLN A 50 37.74 19.21 11.75
C GLN A 50 37.92 18.53 13.10
N ILE A 51 36.89 18.52 13.96
CA ILE A 51 37.00 17.78 15.21
C ILE A 51 36.98 16.27 14.97
N THR A 52 36.13 15.79 14.06
CA THR A 52 36.04 14.36 13.79
C THR A 52 36.74 13.94 12.50
N ASN A 53 37.60 14.79 11.94
CA ASN A 53 38.34 14.41 10.74
C ASN A 53 39.23 13.21 10.99
N ASN A 54 39.71 13.03 12.23
CA ASN A 54 40.67 11.98 12.52
C ASN A 54 40.02 10.63 12.77
N ILE A 55 38.70 10.55 12.92
CA ILE A 55 38.05 9.28 13.21
C ILE A 55 38.01 8.43 11.94
N ASP A 56 37.99 7.11 12.14
CA ASP A 56 37.98 6.19 11.01
C ASP A 56 36.63 6.22 10.31
N PRO A 57 36.59 6.40 9.00
CA PRO A 57 35.31 6.38 8.28
C PRO A 57 34.65 5.02 8.40
N VAL A 58 33.31 5.03 8.46
CA VAL A 58 32.56 3.79 8.63
C VAL A 58 32.66 2.89 7.42
N GLY A 59 33.02 3.43 6.26
CA GLY A 59 33.11 2.63 5.06
C GLY A 59 31.75 2.44 4.40
N ARG A 60 31.79 1.77 3.24
CA ARG A 60 30.58 1.55 2.48
C ARG A 60 29.58 0.71 3.27
N ILE A 61 28.30 1.05 3.15
CA ILE A 61 27.23 0.38 3.87
C ILE A 61 26.30 -0.25 2.84
N GLN A 62 26.15 -1.58 2.91
CA GLN A 62 25.26 -2.33 2.04
C GLN A 62 24.06 -2.79 2.85
N MET A 63 22.86 -2.44 2.39
CA MET A 63 21.63 -2.76 3.10
C MET A 63 20.66 -3.41 2.12
N ARG A 64 20.41 -4.70 2.31
CA ARG A 64 19.48 -5.43 1.47
C ARG A 64 18.04 -5.24 1.95
N THR A 65 17.10 -5.44 1.04
CA THR A 65 15.69 -5.39 1.41
C THR A 65 15.30 -6.67 2.14
N ARG A 66 15.47 -6.68 3.47
CA ARG A 66 15.21 -7.89 4.23
C ARG A 66 13.75 -8.30 4.14
N ARG A 67 12.83 -7.33 4.21
CA ARG A 67 11.42 -7.62 4.07
C ARG A 67 10.76 -6.60 3.16
N THR A 68 9.67 -6.99 2.53
CA THR A 68 8.89 -6.09 1.68
C THR A 68 7.42 -6.20 2.10
N LEU A 69 6.95 -5.22 2.85
CA LEU A 69 5.56 -5.17 3.29
C LEU A 69 4.72 -4.62 2.14
N ARG A 70 3.86 -5.47 1.59
CA ARG A 70 2.98 -5.12 0.48
C ARG A 70 1.54 -5.36 0.89
N GLY A 71 0.64 -4.54 0.35
CA GLY A 71 -0.76 -4.59 0.74
C GLY A 71 -1.39 -3.22 0.76
N HIS A 72 -0.55 -2.18 0.79
CA HIS A 72 -1.05 -0.83 0.58
C HIS A 72 -1.30 -0.60 -0.90
N LEU A 73 -2.39 0.10 -1.21
CA LEU A 73 -2.78 0.34 -2.60
C LEU A 73 -2.75 1.82 -2.96
N ALA A 74 -2.02 2.63 -2.20
CA ALA A 74 -1.91 4.06 -2.47
C ALA A 74 -0.65 4.59 -1.79
N LYS A 75 -0.34 5.85 -2.09
CA LYS A 75 0.89 6.45 -1.60
C LYS A 75 0.92 6.45 -0.08
N ILE A 76 2.06 6.03 0.48
CA ILE A 76 2.27 5.96 1.92
C ILE A 76 2.93 7.25 2.37
N TYR A 77 2.32 7.91 3.36
CA TYR A 77 2.85 9.16 3.88
C TYR A 77 3.50 9.07 5.24
N ALA A 78 3.21 8.03 6.03
CA ALA A 78 3.84 7.94 7.34
C ALA A 78 3.81 6.51 7.85
N MET A 79 4.78 6.21 8.72
CA MET A 79 4.78 4.98 9.49
C MET A 79 5.47 5.24 10.81
N HIS A 80 5.25 4.34 11.76
CA HIS A 80 5.93 4.40 13.05
C HIS A 80 6.17 3.00 13.56
N TRP A 81 7.39 2.75 14.06
CA TRP A 81 7.72 1.48 14.68
C TRP A 81 7.13 1.39 16.08
N GLY A 82 6.76 0.18 16.46
CA GLY A 82 6.38 -0.08 17.84
C GLY A 82 7.59 -0.05 18.75
N THR A 83 7.32 0.02 20.06
CA THR A 83 8.40 0.04 21.03
C THR A 83 9.13 -1.29 21.12
N ASP A 84 8.53 -2.37 20.63
CA ASP A 84 9.14 -3.69 20.69
C ASP A 84 9.98 -3.99 19.46
N SER A 85 10.12 -3.04 18.54
CA SER A 85 10.97 -3.17 17.35
C SER A 85 10.50 -4.27 16.41
N ARG A 86 9.28 -4.77 16.60
CA ARG A 86 8.72 -5.80 15.75
C ARG A 86 7.48 -5.33 15.00
N LEU A 87 6.51 -4.79 15.72
CA LEU A 87 5.31 -4.26 15.08
C LEU A 87 5.57 -2.86 14.54
N LEU A 88 4.87 -2.54 13.45
CA LEU A 88 4.89 -1.18 12.94
C LEU A 88 3.51 -0.83 12.43
N VAL A 89 3.27 0.46 12.24
CA VAL A 89 1.99 0.94 11.73
C VAL A 89 2.27 1.87 10.56
N SER A 90 1.48 1.73 9.49
CA SER A 90 1.66 2.53 8.29
C SER A 90 0.34 3.12 7.85
N ALA A 91 0.38 4.35 7.33
CA ALA A 91 -0.80 5.07 6.88
C ALA A 91 -0.62 5.48 5.43
N SER A 92 -1.68 5.37 4.64
CA SER A 92 -1.65 5.73 3.23
C SER A 92 -3.01 6.25 2.83
N GLN A 93 -3.13 6.65 1.56
CA GLN A 93 -4.40 7.12 1.02
C GLN A 93 -5.39 5.99 0.78
N ASP A 94 -5.10 4.78 1.25
CA ASP A 94 -6.05 3.69 1.17
C ASP A 94 -7.30 3.95 2.00
N GLY A 95 -7.26 4.93 2.89
CA GLY A 95 -8.33 5.11 3.84
C GLY A 95 -8.24 4.18 5.02
N LYS A 96 -7.07 3.60 5.28
CA LYS A 96 -6.92 2.67 6.39
C LYS A 96 -5.46 2.52 6.78
N LEU A 97 -5.21 2.51 8.08
CA LEU A 97 -3.91 2.14 8.64
C LEU A 97 -3.73 0.63 8.56
N ILE A 98 -2.48 0.21 8.51
CA ILE A 98 -2.16 -1.22 8.57
C ILE A 98 -1.08 -1.40 9.63
N ILE A 99 -1.32 -2.31 10.56
CA ILE A 99 -0.34 -2.66 11.60
C ILE A 99 0.29 -3.98 11.19
N TRP A 100 1.58 -3.92 10.86
CA TRP A 100 2.36 -5.01 10.30
C TRP A 100 3.19 -5.67 11.38
N ASP A 101 3.35 -6.99 11.26
CA ASP A 101 4.34 -7.75 12.01
C ASP A 101 5.56 -7.88 11.11
N SER A 102 6.57 -7.03 11.35
CA SER A 102 7.69 -6.93 10.42
C SER A 102 8.53 -8.19 10.38
N TYR A 103 8.57 -8.96 11.46
CA TYR A 103 9.37 -10.19 11.48
C TYR A 103 8.84 -11.22 10.48
N THR A 104 7.52 -11.35 10.40
CA THR A 104 6.90 -12.38 9.56
C THR A 104 6.03 -11.80 8.45
N THR A 105 6.01 -10.48 8.29
CA THR A 105 5.31 -9.76 7.22
C THR A 105 3.79 -9.82 7.39
N ASN A 106 3.28 -10.55 8.38
CA ASN A 106 1.83 -10.67 8.55
C ASN A 106 1.21 -9.32 8.90
N LYS A 107 -0.02 -9.12 8.43
CA LYS A 107 -0.79 -7.94 8.77
C LYS A 107 -1.55 -8.20 10.06
N VAL A 108 -1.05 -7.66 11.17
CA VAL A 108 -1.72 -7.85 12.44
C VAL A 108 -3.08 -7.15 12.45
N HIS A 109 -3.12 -5.91 11.97
CA HIS A 109 -4.36 -5.13 12.02
C HIS A 109 -4.55 -4.36 10.73
N ALA A 110 -5.81 -4.07 10.43
CA ALA A 110 -6.17 -3.17 9.33
C ALA A 110 -7.31 -2.28 9.82
N ILE A 111 -7.00 -1.01 10.10
CA ILE A 111 -7.93 -0.10 10.74
C ILE A 111 -8.50 0.83 9.68
N PRO A 112 -9.77 0.72 9.33
CA PRO A 112 -10.35 1.65 8.35
C PRO A 112 -10.49 3.05 8.94
N LEU A 113 -10.07 4.04 8.16
CA LEU A 113 -10.04 5.42 8.61
C LEU A 113 -11.30 6.15 8.15
N ARG A 114 -11.71 7.13 8.96
CA ARG A 114 -12.85 7.97 8.57
C ARG A 114 -12.48 8.88 7.41
N SER A 115 -11.26 9.40 7.40
CA SER A 115 -10.77 10.25 6.31
C SER A 115 -9.62 9.54 5.61
N SER A 116 -9.67 9.52 4.28
CA SER A 116 -8.61 8.90 3.50
C SER A 116 -7.36 9.75 3.41
N TRP A 117 -7.44 11.04 3.75
CA TRP A 117 -6.30 11.95 3.64
C TRP A 117 -5.55 11.97 4.97
N VAL A 118 -4.75 10.92 5.17
CA VAL A 118 -3.92 10.77 6.35
C VAL A 118 -2.47 10.94 5.95
N MET A 119 -1.76 11.81 6.66
CA MET A 119 -0.35 12.05 6.40
C MET A 119 0.52 11.92 7.64
N THR A 120 0.01 11.29 8.69
CA THR A 120 0.81 11.00 9.88
C THR A 120 0.22 9.81 10.62
N CYS A 121 1.06 9.16 11.40
CA CYS A 121 0.62 8.12 12.31
C CYS A 121 1.69 7.91 13.37
N ALA A 122 1.30 7.26 14.46
CA ALA A 122 2.22 7.01 15.56
C ALA A 122 1.77 5.77 16.31
N TYR A 123 2.74 5.08 16.89
CA TYR A 123 2.49 3.89 17.68
C TYR A 123 2.84 4.20 19.13
N ALA A 124 1.90 3.98 20.04
CA ALA A 124 2.08 4.39 21.42
C ALA A 124 3.26 3.63 22.04
N PRO A 125 4.01 4.28 22.94
CA PRO A 125 5.13 3.58 23.59
C PRO A 125 4.70 2.38 24.40
N SER A 126 3.46 2.35 24.87
CA SER A 126 2.94 1.18 25.56
C SER A 126 2.39 0.13 24.60
N GLY A 127 2.22 0.47 23.33
CA GLY A 127 1.69 -0.47 22.36
C GLY A 127 0.19 -0.64 22.39
N ASN A 128 -0.52 0.17 23.18
CA ASN A 128 -1.96 0.01 23.30
C ASN A 128 -2.74 0.84 22.27
N TYR A 129 -2.27 2.05 21.96
CA TYR A 129 -2.99 2.96 21.09
C TYR A 129 -2.17 3.26 19.84
N VAL A 130 -2.88 3.69 18.79
CA VAL A 130 -2.26 4.12 17.54
C VAL A 130 -2.97 5.37 17.05
N ALA A 131 -2.22 6.43 16.77
CA ALA A 131 -2.80 7.68 16.32
C ALA A 131 -2.58 7.86 14.83
N CYS A 132 -3.45 8.67 14.21
CA CYS A 132 -3.27 9.05 12.81
C CYS A 132 -4.05 10.32 12.53
N GLY A 133 -3.52 11.14 11.63
CA GLY A 133 -4.18 12.40 11.32
C GLY A 133 -3.79 12.89 9.94
N GLY A 134 -4.46 13.95 9.50
CA GLY A 134 -4.20 14.52 8.20
C GLY A 134 -5.02 15.75 7.87
N LEU A 135 -5.53 15.84 6.66
CA LEU A 135 -6.29 17.00 6.23
C LEU A 135 -7.60 17.18 6.98
N ASP A 136 -8.06 16.16 7.72
CA ASP A 136 -9.25 16.29 8.53
C ASP A 136 -9.01 17.13 9.78
N ASN A 137 -7.76 17.52 10.05
CA ASN A 137 -7.37 18.33 11.19
C ASN A 137 -7.57 17.63 12.52
N ILE A 138 -7.68 16.30 12.51
CA ILE A 138 -7.96 15.53 13.71
C ILE A 138 -6.93 14.41 13.82
N CYS A 139 -6.28 14.29 14.97
CA CYS A 139 -5.41 13.16 15.28
C CYS A 139 -6.26 12.15 16.03
N SER A 140 -6.82 11.20 15.30
CA SER A 140 -7.66 10.16 15.88
C SER A 140 -6.79 9.08 16.51
N ILE A 141 -7.17 8.66 17.71
CA ILE A 141 -6.47 7.62 18.46
C ILE A 141 -7.34 6.37 18.47
N TYR A 142 -6.75 5.24 18.12
CA TYR A 142 -7.44 3.95 18.07
C TYR A 142 -6.88 3.03 19.14
N ASN A 143 -7.77 2.28 19.78
CA ASN A 143 -7.41 1.34 20.83
C ASN A 143 -7.20 -0.04 20.22
N LEU A 144 -6.03 -0.62 20.48
CA LEU A 144 -5.67 -1.92 19.91
C LEU A 144 -6.03 -3.10 20.79
N LYS A 145 -5.96 -2.93 22.12
CA LYS A 145 -6.17 -4.03 23.06
C LYS A 145 -7.57 -4.02 23.66
N THR A 146 -8.57 -3.66 22.86
CA THR A 146 -9.94 -3.62 23.33
C THR A 146 -10.45 -5.04 23.61
N ARG A 147 -11.47 -5.12 24.45
CA ARG A 147 -12.06 -6.41 24.78
C ARG A 147 -12.94 -6.93 23.65
N GLU A 148 -13.57 -6.03 22.89
CA GLU A 148 -14.45 -6.45 21.81
C GLU A 148 -13.70 -7.08 20.65
N GLY A 149 -12.40 -6.87 20.56
CA GLY A 149 -11.59 -7.49 19.51
C GLY A 149 -11.26 -6.63 18.32
N ASN A 150 -12.18 -5.76 17.91
CA ASN A 150 -11.96 -4.89 16.77
C ASN A 150 -11.46 -3.53 17.25
N VAL A 151 -10.42 -3.02 16.60
CA VAL A 151 -9.86 -1.73 16.99
C VAL A 151 -10.88 -0.64 16.73
N ARG A 152 -11.13 0.17 17.75
CA ARG A 152 -12.13 1.23 17.69
C ARG A 152 -11.48 2.55 18.10
N VAL A 153 -12.04 3.64 17.59
CA VAL A 153 -11.49 4.96 17.90
C VAL A 153 -11.87 5.33 19.33
N SER A 154 -10.85 5.55 20.17
CA SER A 154 -11.09 5.91 21.56
C SER A 154 -11.41 7.39 21.69
N ARG A 155 -10.76 8.24 20.91
CA ARG A 155 -10.93 9.68 21.02
C ARG A 155 -10.75 10.31 19.65
N GLU A 156 -11.43 11.44 19.45
CA GLU A 156 -11.33 12.23 18.22
C GLU A 156 -10.80 13.61 18.63
N LEU A 157 -9.49 13.77 18.55
CA LEU A 157 -8.82 14.97 19.04
C LEU A 157 -8.92 16.07 17.98
N ALA A 158 -9.81 17.03 18.22
CA ALA A 158 -10.02 18.13 17.30
C ALA A 158 -9.79 19.46 18.00
N GLY A 159 -9.47 20.47 17.22
CA GLY A 159 -9.14 21.78 17.75
C GLY A 159 -8.09 22.50 16.94
N HIS A 160 -7.37 21.75 16.10
CA HIS A 160 -6.48 22.38 15.12
C HIS A 160 -7.30 22.95 13.99
N THR A 161 -6.88 24.11 13.49
CA THR A 161 -7.56 24.77 12.39
C THR A 161 -6.79 24.68 11.08
N GLY A 162 -5.90 23.70 10.96
CA GLY A 162 -5.15 23.50 9.74
C GLY A 162 -4.81 22.03 9.59
N TYR A 163 -4.28 21.69 8.42
CA TYR A 163 -3.95 20.30 8.13
C TYR A 163 -2.95 19.78 9.17
N LEU A 164 -2.98 18.47 9.38
CA LEU A 164 -2.26 17.84 10.47
C LEU A 164 -1.00 17.19 9.93
N SER A 165 0.15 17.54 10.50
CA SER A 165 1.43 17.08 9.99
C SER A 165 1.99 15.87 10.72
N CYS A 166 2.04 15.89 12.04
CA CYS A 166 2.64 14.78 12.79
C CYS A 166 2.21 14.84 14.25
N CYS A 167 1.50 13.82 14.71
CA CYS A 167 1.16 13.72 16.13
C CYS A 167 1.87 12.51 16.72
N ARG A 168 2.63 12.74 17.79
CA ARG A 168 3.44 11.73 18.44
C ARG A 168 3.02 11.54 19.88
N PHE A 169 2.96 10.28 20.30
CA PHE A 169 2.57 9.94 21.67
C PHE A 169 3.68 10.28 22.65
N LEU A 170 3.29 10.77 23.83
CA LEU A 170 4.17 10.84 24.99
C LEU A 170 4.04 9.62 25.88
N ASP A 171 2.81 9.30 26.27
CA ASP A 171 2.47 8.07 26.96
C ASP A 171 1.04 7.72 26.55
N ASP A 172 0.39 6.84 27.31
CA ASP A 172 -0.97 6.45 26.96
C ASP A 172 -1.99 7.56 27.17
N ASN A 173 -1.62 8.66 27.83
CA ASN A 173 -2.56 9.73 28.14
C ASN A 173 -2.30 11.03 27.40
N GLN A 174 -1.03 11.37 27.12
CA GLN A 174 -0.69 12.64 26.51
C GLN A 174 -0.15 12.41 25.10
N ILE A 175 -0.36 13.39 24.23
CA ILE A 175 0.14 13.31 22.86
C ILE A 175 0.41 14.70 22.34
N VAL A 176 1.63 14.94 21.84
CA VAL A 176 1.93 16.20 21.17
C VAL A 176 1.55 16.08 19.72
N THR A 177 1.29 17.22 19.09
CA THR A 177 0.71 17.24 17.76
C THR A 177 1.19 18.49 17.03
N SER A 178 1.56 18.32 15.77
CA SER A 178 2.04 19.41 14.93
C SER A 178 1.18 19.50 13.69
N SER A 179 0.61 20.68 13.44
CA SER A 179 -0.32 20.89 12.34
C SER A 179 0.12 22.11 11.55
N GLY A 180 -0.56 22.33 10.43
CA GLY A 180 -0.32 23.50 9.62
C GLY A 180 -0.91 24.77 10.16
N ASP A 181 -1.50 24.72 11.35
CA ASP A 181 -2.04 25.89 12.03
C ASP A 181 -0.94 26.78 12.61
N THR A 182 0.32 26.52 12.23
CA THR A 182 1.49 27.23 12.72
C THR A 182 1.72 27.02 14.21
N THR A 183 1.05 26.03 14.82
CA THR A 183 1.15 25.79 16.24
C THR A 183 1.25 24.29 16.50
N CYS A 184 1.94 23.94 17.58
CA CYS A 184 1.96 22.59 18.12
C CYS A 184 1.22 22.56 19.44
N ALA A 185 0.54 21.45 19.69
CA ALA A 185 -0.32 21.31 20.86
C ALA A 185 0.09 20.08 21.64
N LEU A 186 -0.35 20.03 22.89
CA LEU A 186 -0.15 18.87 23.77
C LEU A 186 -1.53 18.48 24.31
N TRP A 187 -2.15 17.49 23.68
CA TRP A 187 -3.48 17.05 24.08
C TRP A 187 -3.40 16.00 25.18
N ASP A 188 -4.44 16.01 26.03
CA ASP A 188 -4.69 14.93 26.97
C ASP A 188 -5.80 14.06 26.41
N ILE A 189 -5.49 12.79 26.14
CA ILE A 189 -6.44 11.91 25.48
C ILE A 189 -7.64 11.63 26.37
N GLU A 190 -7.42 11.52 27.69
CA GLU A 190 -8.51 11.17 28.59
C GLU A 190 -9.62 12.20 28.56
N THR A 191 -9.28 13.49 28.54
CA THR A 191 -10.29 14.54 28.48
C THR A 191 -10.58 15.00 27.07
N GLY A 192 -9.61 14.86 26.15
CA GLY A 192 -9.84 15.20 24.77
C GLY A 192 -9.55 16.62 24.36
N GLN A 193 -8.76 17.36 25.14
CA GLN A 193 -8.47 18.76 24.82
C GLN A 193 -7.00 19.06 25.07
N GLN A 194 -6.58 20.22 24.55
CA GLN A 194 -5.20 20.66 24.69
C GLN A 194 -4.95 21.21 26.09
N THR A 195 -3.80 20.87 26.65
CA THR A 195 -3.36 21.44 27.92
C THR A 195 -2.22 22.43 27.76
N THR A 196 -1.60 22.50 26.58
CA THR A 196 -0.53 23.47 26.32
C THR A 196 -0.40 23.62 24.81
N THR A 197 -0.53 24.83 24.30
CA THR A 197 -0.42 25.13 22.89
C THR A 197 0.89 25.85 22.64
N PHE A 198 1.77 25.22 21.86
CA PHE A 198 3.08 25.79 21.54
C PHE A 198 2.95 26.63 20.28
N THR A 199 2.99 27.96 20.44
CA THR A 199 2.88 28.88 19.32
C THR A 199 4.15 29.71 19.20
N GLY A 200 4.39 30.20 17.97
CA GLY A 200 5.58 30.98 17.71
C GLY A 200 6.16 30.75 16.32
N HIS A 201 5.81 29.64 15.69
CA HIS A 201 6.19 29.44 14.30
C HIS A 201 5.43 30.40 13.39
N THR A 202 6.05 30.75 12.28
CA THR A 202 5.41 31.62 11.30
C THR A 202 4.59 30.86 10.27
N GLY A 203 5.06 29.68 9.86
CA GLY A 203 4.37 28.91 8.85
C GLY A 203 3.97 27.53 9.30
N ASP A 204 3.65 26.67 8.33
CA ASP A 204 3.18 25.32 8.64
C ASP A 204 4.29 24.53 9.33
N VAL A 205 3.96 23.88 10.44
CA VAL A 205 4.91 23.02 11.13
C VAL A 205 4.70 21.59 10.64
N MET A 206 5.75 20.97 10.12
CA MET A 206 5.61 19.70 9.40
C MET A 206 6.30 18.52 10.05
N SER A 207 6.80 18.66 11.28
CA SER A 207 7.58 17.56 11.83
C SER A 207 7.66 17.68 13.34
N LEU A 208 7.88 16.54 13.99
CA LEU A 208 8.07 16.46 15.43
C LEU A 208 9.14 15.42 15.73
N SER A 209 9.72 15.55 16.92
CA SER A 209 10.65 14.53 17.43
C SER A 209 10.70 14.69 18.94
N LEU A 210 10.19 13.70 19.66
CA LEU A 210 10.30 13.69 21.11
C LEU A 210 11.73 13.35 21.52
N ALA A 211 12.22 14.05 22.55
CA ALA A 211 13.50 13.70 23.11
C ALA A 211 13.42 12.31 23.76
N PRO A 212 14.54 11.58 23.80
CA PRO A 212 14.49 10.23 24.40
C PRO A 212 13.99 10.23 25.84
N ASP A 213 14.33 11.25 26.63
CA ASP A 213 13.78 11.36 27.98
C ASP A 213 12.37 11.92 27.99
N THR A 214 11.86 12.37 26.85
CA THR A 214 10.50 12.89 26.71
C THR A 214 10.26 14.04 27.68
N ARG A 215 11.03 15.11 27.51
CA ARG A 215 10.88 16.31 28.31
C ARG A 215 10.92 17.54 27.42
N LEU A 216 11.53 17.40 26.24
CA LEU A 216 11.62 18.45 25.24
C LEU A 216 11.32 17.84 23.88
N PHE A 217 10.98 18.69 22.92
CA PHE A 217 10.79 18.20 21.57
C PHE A 217 11.03 19.31 20.56
N VAL A 218 11.55 18.92 19.39
CA VAL A 218 11.88 19.86 18.32
C VAL A 218 10.82 19.76 17.25
N SER A 219 10.38 20.91 16.75
CA SER A 219 9.41 20.98 15.67
C SER A 219 9.97 21.84 14.55
N GLY A 220 10.04 21.28 13.35
CA GLY A 220 10.50 22.00 12.17
C GLY A 220 9.31 22.50 11.37
N ALA A 221 9.38 23.75 10.93
CA ALA A 221 8.26 24.39 10.27
C ALA A 221 8.66 24.89 8.89
N CYS A 222 7.70 25.48 8.18
CA CYS A 222 7.88 25.95 6.83
C CYS A 222 8.51 27.34 6.76
N ASP A 223 8.77 27.99 7.88
CA ASP A 223 9.52 29.23 7.90
C ASP A 223 11.02 29.00 8.00
N ALA A 224 11.49 27.80 7.60
CA ALA A 224 12.90 27.44 7.64
C ALA A 224 13.46 27.57 9.06
N SER A 225 12.75 27.05 10.03
CA SER A 225 13.18 27.12 11.42
C SER A 225 12.70 25.89 12.17
N ALA A 226 13.55 25.40 13.07
CA ALA A 226 13.21 24.31 13.96
C ALA A 226 13.31 24.80 15.40
N LYS A 227 12.23 24.65 16.16
CA LYS A 227 12.13 25.21 17.50
C LYS A 227 12.17 24.10 18.53
N LEU A 228 13.00 24.29 19.56
CA LEU A 228 13.07 23.41 20.71
C LEU A 228 12.06 23.89 21.74
N TRP A 229 11.04 23.07 22.00
CA TRP A 229 9.94 23.35 22.90
C TRP A 229 10.09 22.51 24.15
N ASP A 230 9.62 23.06 25.27
CA ASP A 230 9.57 22.35 26.55
C ASP A 230 8.12 22.04 26.85
N VAL A 231 7.80 20.75 27.00
CA VAL A 231 6.40 20.35 27.15
C VAL A 231 5.84 20.78 28.50
N ARG A 232 6.65 20.70 29.57
CA ARG A 232 6.13 20.93 30.91
C ARG A 232 5.62 22.36 31.08
N GLU A 233 6.40 23.34 30.65
CA GLU A 233 5.99 24.73 30.79
C GLU A 233 5.21 25.22 29.56
N GLY A 234 5.83 25.16 28.39
CA GLY A 234 5.19 25.53 27.14
C GLY A 234 5.94 26.56 26.31
N MET A 235 6.87 27.29 26.91
CA MET A 235 7.58 28.32 26.15
C MET A 235 8.54 27.69 25.16
N CYS A 236 8.85 28.45 24.11
CA CYS A 236 9.83 28.02 23.11
C CYS A 236 11.21 28.14 23.71
N ARG A 237 11.79 27.01 24.10
CA ARG A 237 13.10 27.05 24.76
C ARG A 237 14.17 27.63 23.84
N GLN A 238 14.21 27.17 22.59
CA GLN A 238 15.25 27.62 21.67
C GLN A 238 14.70 27.64 20.25
N THR A 239 15.40 28.35 19.37
CA THR A 239 15.10 28.35 17.95
C THR A 239 16.39 28.16 17.15
N PHE A 240 16.28 27.43 16.05
CA PHE A 240 17.43 27.14 15.19
C PHE A 240 17.06 27.44 13.76
N THR A 241 17.90 28.21 13.08
CA THR A 241 17.73 28.57 11.68
C THR A 241 18.99 28.22 10.91
N GLY A 242 18.89 28.30 9.59
CA GLY A 242 20.00 27.97 8.72
C GLY A 242 19.57 27.28 7.45
N HIS A 243 18.37 26.71 7.46
CA HIS A 243 17.80 26.16 6.24
C HIS A 243 17.34 27.27 5.31
N GLU A 244 17.25 26.94 4.02
CA GLU A 244 16.86 27.91 3.01
C GLU A 244 15.51 27.59 2.37
N SER A 245 14.74 26.69 2.96
CA SER A 245 13.45 26.31 2.41
C SER A 245 12.62 25.67 3.52
N ASP A 246 11.49 25.08 3.14
CA ASP A 246 10.60 24.46 4.11
C ASP A 246 11.23 23.20 4.69
N ILE A 247 11.11 23.04 6.00
CA ILE A 247 11.61 21.85 6.69
C ILE A 247 10.55 20.78 6.64
N ASN A 248 10.94 19.57 6.17
CA ASN A 248 9.99 18.48 6.02
C ASN A 248 10.15 17.37 7.04
N ALA A 249 11.31 17.25 7.68
CA ALA A 249 11.47 16.17 8.65
C ALA A 249 12.46 16.60 9.73
N ILE A 250 12.35 15.96 10.89
CA ILE A 250 13.21 16.28 12.02
C ILE A 250 13.33 15.01 12.86
N CYS A 251 14.46 14.86 13.54
CA CYS A 251 14.66 13.69 14.40
C CYS A 251 15.77 13.96 15.39
N PHE A 252 15.49 13.73 16.67
CA PHE A 252 16.50 13.88 17.70
C PHE A 252 17.66 12.89 17.52
N PHE A 253 18.85 13.36 17.84
CA PHE A 253 19.98 12.48 18.04
C PHE A 253 19.70 11.55 19.22
N PRO A 254 20.16 10.30 19.18
CA PRO A 254 19.85 9.38 20.29
C PRO A 254 20.31 9.88 21.65
N ASN A 255 21.36 10.70 21.69
CA ASN A 255 21.79 11.28 22.95
C ASN A 255 20.76 12.24 23.54
N GLY A 256 19.87 12.78 22.70
CA GLY A 256 18.91 13.76 23.16
C GLY A 256 19.45 15.17 23.26
N ASN A 257 20.72 15.39 22.91
CA ASN A 257 21.32 16.71 22.94
C ASN A 257 21.57 17.28 21.55
N ALA A 258 21.03 16.66 20.52
CA ALA A 258 21.19 17.14 19.15
C ALA A 258 20.03 16.63 18.32
N PHE A 259 19.81 17.26 17.17
CA PHE A 259 18.74 16.83 16.30
C PHE A 259 19.03 17.23 14.87
N ALA A 260 18.64 16.35 13.94
CA ALA A 260 18.88 16.54 12.52
C ALA A 260 17.58 16.91 11.82
N THR A 261 17.65 17.95 11.00
CA THR A 261 16.53 18.41 10.20
C THR A 261 16.80 18.16 8.73
N GLY A 262 15.74 17.81 8.00
CA GLY A 262 15.79 17.67 6.57
C GLY A 262 14.76 18.55 5.90
N SER A 263 15.20 19.42 5.00
CA SER A 263 14.36 20.43 4.37
C SER A 263 14.31 20.21 2.87
N ASP A 264 13.69 21.16 2.17
CA ASP A 264 13.49 21.06 0.73
C ASP A 264 14.70 21.54 -0.06
N ASP A 265 15.71 22.12 0.58
CA ASP A 265 16.88 22.63 -0.12
C ASP A 265 17.93 21.56 -0.35
N ALA A 266 17.55 20.29 -0.28
CA ALA A 266 18.44 19.15 -0.54
C ALA A 266 19.58 19.07 0.46
N THR A 267 19.46 19.70 1.62
CA THR A 267 20.49 19.69 2.63
C THR A 267 19.91 19.22 3.95
N CYS A 268 20.55 18.24 4.57
CA CYS A 268 20.28 17.91 5.96
C CYS A 268 21.19 18.73 6.85
N ARG A 269 20.79 18.85 8.12
CA ARG A 269 21.58 19.60 9.08
C ARG A 269 21.48 18.94 10.44
N LEU A 270 22.51 19.13 11.26
CA LEU A 270 22.56 18.58 12.62
C LEU A 270 22.80 19.72 13.59
N PHE A 271 21.76 20.15 14.28
CA PHE A 271 21.84 21.23 15.25
C PHE A 271 22.07 20.67 16.65
N ASP A 272 22.73 21.47 17.48
CA ASP A 272 23.00 21.12 18.87
C ASP A 272 22.14 21.98 19.79
N LEU A 273 21.48 21.34 20.75
CA LEU A 273 20.69 22.09 21.72
C LEU A 273 21.58 22.94 22.62
N ARG A 274 22.71 22.40 23.07
CA ARG A 274 23.55 23.12 24.01
C ARG A 274 24.35 24.22 23.33
N ALA A 275 24.82 23.97 22.11
CA ALA A 275 25.55 25.00 21.37
C ALA A 275 24.63 25.98 20.66
N ASP A 276 23.35 25.64 20.51
CA ASP A 276 22.36 26.52 19.90
C ASP A 276 22.77 26.92 18.49
N GLN A 277 23.35 25.98 17.74
CA GLN A 277 23.71 26.22 16.35
C GLN A 277 23.90 24.89 15.65
N GLU A 278 24.06 24.95 14.34
CA GLU A 278 24.35 23.75 13.57
C GLU A 278 25.81 23.36 13.73
N LEU A 279 26.10 22.09 13.48
CA LEU A 279 27.45 21.55 13.54
C LEU A 279 27.91 20.96 12.22
N MET A 280 27.00 20.35 11.47
CA MET A 280 27.32 19.71 10.20
C MET A 280 26.17 19.92 9.24
N THR A 281 26.48 19.96 7.94
CA THR A 281 25.48 20.01 6.89
C THR A 281 25.73 18.86 5.92
N TYR A 282 24.67 18.14 5.57
CA TYR A 282 24.76 16.96 4.72
C TYR A 282 24.16 17.29 3.37
N SER A 283 25.00 17.47 2.36
CA SER A 283 24.53 17.84 1.03
C SER A 283 25.54 17.37 0.00
N HIS A 284 25.08 17.30 -1.24
CA HIS A 284 25.95 16.97 -2.36
C HIS A 284 25.41 17.64 -3.61
N ASP A 285 26.30 17.85 -4.59
CA ASP A 285 25.90 18.46 -5.85
C ASP A 285 24.92 17.57 -6.61
N ASN A 286 25.11 16.25 -6.52
CA ASN A 286 24.24 15.32 -7.23
C ASN A 286 22.80 15.44 -6.73
N ILE A 287 22.61 15.53 -5.42
CA ILE A 287 21.27 15.63 -4.85
C ILE A 287 20.82 17.07 -4.91
N ILE A 288 19.81 17.35 -5.75
CA ILE A 288 19.22 18.67 -5.86
C ILE A 288 17.75 18.54 -5.51
N CYS A 289 17.44 17.60 -4.62
CA CYS A 289 16.08 17.21 -4.31
C CYS A 289 15.87 17.23 -2.80
N GLY A 290 14.67 17.61 -2.38
CA GLY A 290 14.41 17.79 -0.97
C GLY A 290 14.41 16.49 -0.18
N ILE A 291 14.49 16.64 1.14
CA ILE A 291 14.48 15.51 2.05
C ILE A 291 13.08 15.34 2.60
N THR A 292 12.49 14.15 2.42
CA THR A 292 11.15 13.89 2.90
C THR A 292 11.12 13.18 4.25
N SER A 293 12.21 12.53 4.65
CA SER A 293 12.24 11.93 5.98
C SER A 293 13.66 11.87 6.49
N VAL A 294 13.83 11.98 7.81
CA VAL A 294 15.13 11.88 8.45
C VAL A 294 15.00 11.00 9.68
N SER A 295 15.95 10.09 9.89
CA SER A 295 16.03 9.33 11.12
C SER A 295 17.50 9.07 11.43
N PHE A 296 17.75 8.64 12.67
CA PHE A 296 19.09 8.33 13.14
C PHE A 296 19.21 6.84 13.40
N SER A 297 20.45 6.37 13.46
CA SER A 297 20.72 5.00 13.86
C SER A 297 20.68 4.90 15.38
N LYS A 298 20.81 3.68 15.90
CA LYS A 298 20.74 3.49 17.34
C LYS A 298 21.88 4.21 18.05
N SER A 299 23.09 4.13 17.52
CA SER A 299 24.23 4.79 18.12
C SER A 299 24.38 6.25 17.68
N GLY A 300 23.57 6.70 16.73
CA GLY A 300 23.67 8.05 16.22
C GLY A 300 24.77 8.27 15.20
N ARG A 301 25.49 7.22 14.81
CA ARG A 301 26.57 7.38 13.85
C ARG A 301 26.04 7.56 12.44
N LEU A 302 24.96 6.87 12.10
CA LEU A 302 24.37 6.94 10.77
C LEU A 302 23.15 7.84 10.80
N LEU A 303 22.98 8.63 9.74
CA LEU A 303 21.81 9.47 9.54
C LEU A 303 21.15 9.04 8.25
N LEU A 304 19.99 8.39 8.35
CA LEU A 304 19.29 7.89 7.18
C LEU A 304 18.26 8.93 6.75
N ALA A 305 18.48 9.54 5.59
CA ALA A 305 17.59 10.56 5.04
C ALA A 305 16.94 10.03 3.77
N GLY A 306 15.62 9.86 3.83
CA GLY A 306 14.88 9.46 2.65
C GLY A 306 14.49 10.66 1.82
N TYR A 307 15.02 10.73 0.59
CA TYR A 307 14.82 11.87 -0.28
C TYR A 307 13.59 11.66 -1.16
N ASP A 308 13.29 12.67 -1.98
CA ASP A 308 12.23 12.57 -2.96
C ASP A 308 12.76 12.27 -4.36
N ASP A 309 13.99 11.77 -4.46
CA ASP A 309 14.57 11.27 -5.71
C ASP A 309 14.47 9.76 -5.76
N PHE A 310 13.38 9.22 -5.21
CA PHE A 310 13.01 7.81 -5.23
C PHE A 310 13.92 6.93 -4.39
N ASN A 311 14.76 7.51 -3.54
CA ASN A 311 15.76 6.72 -2.83
C ASN A 311 16.01 7.32 -1.44
N CYS A 312 16.94 6.68 -0.73
CA CYS A 312 17.40 7.14 0.57
C CYS A 312 18.92 7.17 0.59
N ASN A 313 19.47 8.07 1.40
CA ASN A 313 20.90 8.15 1.61
C ASN A 313 21.21 7.86 3.07
N VAL A 314 22.42 7.39 3.31
CA VAL A 314 22.90 7.10 4.66
C VAL A 314 24.20 7.87 4.84
N TRP A 315 24.17 8.87 5.72
CA TRP A 315 25.28 9.79 5.93
C TRP A 315 26.02 9.45 7.20
N ASP A 316 27.34 9.52 7.14
CA ASP A 316 28.15 9.47 8.35
C ASP A 316 27.92 10.75 9.14
N ALA A 317 27.19 10.64 10.26
CA ALA A 317 26.79 11.84 10.99
C ALA A 317 27.97 12.60 11.55
N LEU A 318 29.14 11.99 11.62
CA LEU A 318 30.34 12.66 12.13
C LEU A 318 31.29 13.12 11.02
N LYS A 319 31.02 12.74 9.76
CA LYS A 319 31.89 13.09 8.65
C LYS A 319 31.17 13.72 7.47
N ALA A 320 29.83 13.70 7.46
CA ALA A 320 29.02 14.23 6.35
C ALA A 320 29.29 13.53 5.04
N ASP A 321 29.89 12.34 5.08
CA ASP A 321 30.17 11.56 3.89
C ASP A 321 29.04 10.56 3.68
N ARG A 322 28.59 10.43 2.42
CA ARG A 322 27.49 9.53 2.11
C ARG A 322 27.99 8.09 2.26
N ALA A 323 27.70 7.49 3.40
CA ALA A 323 28.18 6.15 3.70
C ALA A 323 27.40 5.06 2.98
N GLY A 324 26.21 5.36 2.47
CA GLY A 324 25.46 4.34 1.75
C GLY A 324 24.29 4.92 1.01
N VAL A 325 23.72 4.09 0.13
CA VAL A 325 22.53 4.45 -0.64
C VAL A 325 21.55 3.30 -0.55
N LEU A 326 20.28 3.62 -0.36
CA LEU A 326 19.19 2.65 -0.30
C LEU A 326 18.24 2.94 -1.45
N ALA A 327 18.36 2.15 -2.52
CA ALA A 327 17.49 2.24 -3.68
C ALA A 327 16.60 1.02 -3.77
N GLY A 328 15.49 1.18 -4.47
CA GLY A 328 14.53 0.09 -4.61
C GLY A 328 13.10 0.57 -4.60
N HIS A 329 12.91 1.85 -4.31
CA HIS A 329 11.58 2.44 -4.26
C HIS A 329 11.29 3.13 -5.60
N ASP A 330 10.16 2.77 -6.21
CA ASP A 330 9.83 3.29 -7.52
C ASP A 330 9.34 4.73 -7.45
N ASN A 331 8.92 5.19 -6.27
CA ASN A 331 8.38 6.53 -6.10
C ASN A 331 9.10 7.24 -4.95
N ARG A 332 8.59 8.43 -4.60
CA ARG A 332 9.17 9.22 -3.53
C ARG A 332 9.18 8.45 -2.22
N VAL A 333 10.31 8.48 -1.52
CA VAL A 333 10.42 7.90 -0.19
C VAL A 333 9.86 8.92 0.79
N SER A 334 8.65 8.67 1.29
CA SER A 334 7.96 9.67 2.09
C SER A 334 8.19 9.50 3.58
N CYS A 335 8.25 8.25 4.06
CA CYS A 335 8.41 8.00 5.48
C CYS A 335 9.57 7.03 5.71
N LEU A 336 10.24 7.20 6.83
CA LEU A 336 11.42 6.42 7.16
C LEU A 336 11.50 6.25 8.66
N GLY A 337 11.86 5.06 9.10
CA GLY A 337 11.95 4.79 10.53
C GLY A 337 13.04 3.78 10.82
N VAL A 338 13.59 3.87 12.02
CA VAL A 338 14.63 2.97 12.49
C VAL A 338 14.14 2.30 13.77
N THR A 339 14.32 0.99 13.84
CA THR A 339 13.85 0.23 14.98
C THR A 339 14.50 0.73 16.27
N ASP A 340 13.79 0.57 17.39
CA ASP A 340 14.27 1.09 18.66
C ASP A 340 15.51 0.35 19.13
N ASP A 341 15.70 -0.90 18.69
CA ASP A 341 16.94 -1.62 18.96
C ASP A 341 17.94 -1.50 17.83
N GLY A 342 17.65 -0.70 16.81
CA GLY A 342 18.57 -0.47 15.72
C GLY A 342 18.79 -1.65 14.80
N MET A 343 17.94 -2.67 14.88
CA MET A 343 18.17 -3.88 14.09
C MET A 343 17.78 -3.71 12.63
N ALA A 344 16.83 -2.83 12.32
CA ALA A 344 16.36 -2.70 10.96
C ALA A 344 15.86 -1.28 10.70
N VAL A 345 15.86 -0.91 9.42
CA VAL A 345 15.34 0.35 8.95
C VAL A 345 14.20 0.04 7.98
N ALA A 346 13.05 0.67 8.20
CA ALA A 346 11.91 0.49 7.32
C ALA A 346 11.59 1.83 6.65
N THR A 347 11.58 1.82 5.31
CA THR A 347 11.25 2.99 4.52
C THR A 347 9.96 2.71 3.77
N GLY A 348 8.98 3.58 3.95
CA GLY A 348 7.77 3.51 3.17
C GLY A 348 7.73 4.65 2.16
N SER A 349 7.34 4.30 0.93
CA SER A 349 7.40 5.21 -0.19
C SER A 349 6.03 5.38 -0.81
N TRP A 350 5.95 6.29 -1.78
CA TRP A 350 4.69 6.57 -2.46
C TRP A 350 4.25 5.44 -3.38
N ASP A 351 5.10 4.44 -3.61
CA ASP A 351 4.73 3.28 -4.41
C ASP A 351 3.94 2.24 -3.63
N SER A 352 3.45 2.60 -2.44
CA SER A 352 2.55 1.76 -1.64
C SER A 352 3.22 0.49 -1.14
N PHE A 353 4.53 0.54 -0.92
CA PHE A 353 5.27 -0.61 -0.43
C PHE A 353 6.25 -0.15 0.65
N LEU A 354 6.29 -0.87 1.77
CA LEU A 354 7.30 -0.64 2.78
C LEU A 354 8.45 -1.63 2.57
N LYS A 355 9.66 -1.17 2.85
CA LYS A 355 10.86 -2.00 2.68
C LYS A 355 11.66 -1.96 3.97
N ILE A 356 11.86 -3.12 4.57
CA ILE A 356 12.62 -3.24 5.81
C ILE A 356 14.02 -3.72 5.47
N TRP A 357 15.02 -2.92 5.84
CA TRP A 357 16.41 -3.20 5.49
C TRP A 357 17.16 -3.68 6.72
N THR B 4 7.25 -25.96 10.59
CA THR B 4 8.02 -24.74 10.80
C THR B 4 7.17 -23.70 11.54
N LEU B 5 5.92 -23.55 11.12
CA LEU B 5 4.99 -22.60 11.73
C LEU B 5 4.04 -23.36 12.66
N SER B 6 3.99 -22.93 13.91
CA SER B 6 3.12 -23.57 14.88
C SER B 6 1.65 -23.23 14.59
N ALA B 7 0.76 -23.72 15.44
CA ALA B 7 -0.67 -23.52 15.22
C ALA B 7 -1.04 -22.04 15.25
N GLU B 8 -0.52 -21.32 16.24
CA GLU B 8 -0.84 -19.90 16.35
C GLU B 8 -0.27 -19.11 15.18
N ASP B 9 0.93 -19.48 14.72
CA ASP B 9 1.51 -18.81 13.56
C ASP B 9 0.70 -19.08 12.30
N LYS B 10 0.23 -20.32 12.14
CA LYS B 10 -0.62 -20.64 10.99
C LYS B 10 -1.90 -19.83 11.02
N ALA B 11 -2.53 -19.73 12.19
CA ALA B 11 -3.76 -18.95 12.28
C ALA B 11 -3.52 -17.47 12.08
N ALA B 12 -2.36 -16.96 12.51
CA ALA B 12 -2.01 -15.57 12.26
C ALA B 12 -1.84 -15.33 10.76
N VAL B 13 -1.20 -16.26 10.05
CA VAL B 13 -1.04 -16.12 8.61
C VAL B 13 -2.40 -16.16 7.92
N GLU B 14 -3.30 -17.03 8.40
CA GLU B 14 -4.65 -17.07 7.85
C GLU B 14 -5.38 -15.76 8.07
N ARG B 15 -5.22 -15.16 9.25
CA ARG B 15 -5.83 -13.86 9.53
C ARG B 15 -5.25 -12.78 8.61
N SER B 16 -3.94 -12.83 8.38
CA SER B 16 -3.32 -11.89 7.45
C SER B 16 -3.86 -12.05 6.04
N LYS B 17 -4.09 -13.29 5.62
CA LYS B 17 -4.65 -13.52 4.29
C LYS B 17 -6.09 -13.02 4.20
N MET B 18 -6.88 -13.19 5.26
CA MET B 18 -8.23 -12.63 5.26
C MET B 18 -8.19 -11.11 5.20
N ILE B 19 -7.27 -10.48 5.93
CA ILE B 19 -7.11 -9.04 5.86
C ILE B 19 -6.70 -8.61 4.46
N ASP B 20 -5.84 -9.40 3.81
CA ASP B 20 -5.46 -9.11 2.43
C ASP B 20 -6.66 -9.18 1.49
N ARG B 21 -7.51 -10.19 1.69
CA ARG B 21 -8.73 -10.29 0.87
C ARG B 21 -9.61 -9.07 1.04
N ASN B 22 -9.84 -8.65 2.29
CA ASN B 22 -10.67 -7.49 2.54
C ASN B 22 -10.04 -6.22 1.97
N LEU B 23 -8.72 -6.10 2.08
CA LEU B 23 -8.02 -4.95 1.54
C LEU B 23 -8.12 -4.90 0.02
N ARG B 24 -8.01 -6.05 -0.63
CA ARG B 24 -8.15 -6.10 -2.08
C ARG B 24 -9.56 -5.71 -2.52
N GLU B 25 -10.58 -6.20 -1.80
CA GLU B 25 -11.94 -5.84 -2.14
C GLU B 25 -12.17 -4.34 -1.97
N ASP B 26 -11.69 -3.77 -0.85
CA ASP B 26 -11.85 -2.34 -0.63
C ASP B 26 -11.08 -1.54 -1.67
N GLY B 27 -9.90 -2.02 -2.06
CA GLY B 27 -9.12 -1.31 -3.06
C GLY B 27 -9.79 -1.31 -4.42
N GLU B 28 -10.39 -2.44 -4.81
CA GLU B 28 -11.15 -2.47 -6.05
C GLU B 28 -12.33 -1.51 -5.99
N LYS B 29 -13.06 -1.51 -4.88
CA LYS B 29 -14.20 -0.61 -4.75
C LYS B 29 -13.77 0.85 -4.82
N ALA B 30 -12.64 1.18 -4.20
CA ALA B 30 -12.15 2.56 -4.22
C ALA B 30 -11.56 2.94 -5.57
N ALA B 31 -11.01 1.96 -6.31
CA ALA B 31 -10.49 2.25 -7.64
C ALA B 31 -11.61 2.47 -8.64
N ARG B 32 -12.76 1.82 -8.44
CA ARG B 32 -13.91 2.11 -9.29
C ARG B 32 -14.48 3.50 -9.06
N GLU B 33 -14.07 4.19 -7.99
CA GLU B 33 -14.56 5.52 -7.69
C GLU B 33 -13.99 6.55 -8.65
N VAL B 34 -14.63 7.71 -8.71
CA VAL B 34 -14.17 8.84 -9.50
C VAL B 34 -13.91 10.01 -8.55
N LYS B 35 -12.66 10.45 -8.51
CA LYS B 35 -12.21 11.45 -7.54
C LYS B 35 -12.08 12.81 -8.21
N LEU B 36 -12.80 13.80 -7.70
CA LEU B 36 -12.76 15.16 -8.22
C LEU B 36 -12.30 16.09 -7.11
N LEU B 37 -11.46 17.06 -7.45
CA LEU B 37 -10.97 18.05 -6.50
C LEU B 37 -11.65 19.37 -6.79
N LEU B 38 -12.42 19.87 -5.82
CA LEU B 38 -13.16 21.12 -6.00
C LEU B 38 -12.32 22.29 -5.50
N LEU B 39 -12.17 23.31 -6.35
CA LEU B 39 -11.36 24.47 -6.03
C LEU B 39 -12.11 25.73 -6.47
N GLY B 40 -11.73 26.85 -5.88
CA GLY B 40 -12.31 28.12 -6.24
C GLY B 40 -12.15 29.13 -5.12
N ALA B 41 -12.70 30.31 -5.37
CA ALA B 41 -12.69 31.38 -4.37
C ALA B 41 -13.80 31.14 -3.34
N GLY B 42 -13.71 31.88 -2.24
CA GLY B 42 -14.70 31.73 -1.18
C GLY B 42 -16.10 32.07 -1.64
N GLU B 43 -16.24 33.12 -2.45
CA GLU B 43 -17.52 33.53 -3.02
C GLU B 43 -17.66 33.12 -4.47
N SER B 44 -17.10 31.97 -4.85
CA SER B 44 -17.13 31.49 -6.22
C SER B 44 -18.32 30.57 -6.51
N GLY B 45 -19.19 30.35 -5.54
CA GLY B 45 -20.38 29.53 -5.75
C GLY B 45 -20.19 28.04 -5.60
N LYS B 46 -19.03 27.59 -5.13
CA LYS B 46 -18.84 26.16 -4.90
C LYS B 46 -19.86 25.63 -3.89
N SER B 47 -20.26 26.46 -2.93
CA SER B 47 -21.33 26.07 -2.02
C SER B 47 -22.63 25.81 -2.77
N THR B 48 -22.95 26.68 -3.73
CA THR B 48 -24.15 26.47 -4.55
C THR B 48 -24.03 25.18 -5.35
N ILE B 49 -22.86 24.91 -5.93
CA ILE B 49 -22.69 23.73 -6.76
C ILE B 49 -22.82 22.46 -5.92
N VAL B 50 -22.18 22.43 -4.75
CA VAL B 50 -22.29 21.24 -3.89
C VAL B 50 -23.69 21.10 -3.34
N LYS B 51 -24.41 22.21 -3.14
CA LYS B 51 -25.82 22.11 -2.78
C LYS B 51 -26.65 21.50 -3.90
N GLN B 52 -26.34 21.86 -5.15
CA GLN B 52 -27.05 21.26 -6.28
C GLN B 52 -26.82 19.75 -6.34
N MET B 53 -25.57 19.32 -6.15
CA MET B 53 -25.38 17.86 -6.12
C MET B 53 -25.76 17.23 -4.80
N LYS B 54 -26.12 18.01 -3.79
CA LYS B 54 -26.53 17.44 -2.51
C LYS B 54 -27.62 18.28 -1.85
N THR B 182 -14.44 22.63 9.06
CA THR B 182 -13.23 22.33 9.81
C THR B 182 -12.05 22.12 8.88
N GLY B 183 -12.07 21.01 8.16
CA GLY B 183 -11.00 20.66 7.22
C GLY B 183 -11.59 20.36 5.86
N ILE B 184 -11.07 19.29 5.24
CA ILE B 184 -11.55 18.87 3.93
C ILE B 184 -12.99 18.42 4.04
N VAL B 185 -13.76 18.66 2.99
CA VAL B 185 -15.17 18.31 2.92
C VAL B 185 -15.37 17.34 1.78
N GLU B 186 -15.86 16.14 2.09
CA GLU B 186 -16.11 15.11 1.09
C GLU B 186 -17.59 15.11 0.73
N THR B 187 -17.90 15.27 -0.55
CA THR B 187 -19.26 15.22 -1.06
C THR B 187 -19.36 14.03 -2.00
N HIS B 188 -20.11 13.01 -1.60
CA HIS B 188 -20.27 11.80 -2.38
C HIS B 188 -21.63 11.84 -3.08
N PHE B 189 -21.63 11.59 -4.39
CA PHE B 189 -22.89 11.48 -5.12
C PHE B 189 -22.72 10.47 -6.25
N THR B 190 -23.85 10.17 -6.90
CA THR B 190 -23.90 9.16 -7.94
C THR B 190 -24.65 9.69 -9.15
N PHE B 191 -24.10 9.43 -10.34
CA PHE B 191 -24.73 9.86 -11.59
C PHE B 191 -24.43 8.85 -12.67
N LYS B 192 -25.49 8.34 -13.32
CA LYS B 192 -25.36 7.38 -14.40
C LYS B 192 -24.52 6.17 -13.99
N ASP B 193 -24.80 5.67 -12.77
CA ASP B 193 -24.08 4.54 -12.20
C ASP B 193 -22.57 4.80 -12.11
N LEU B 194 -22.20 6.05 -11.84
CA LEU B 194 -20.81 6.42 -11.59
C LEU B 194 -20.76 7.19 -10.28
N HIS B 195 -19.82 6.81 -9.42
CA HIS B 195 -19.72 7.38 -8.08
C HIS B 195 -18.65 8.46 -8.06
N PHE B 196 -19.04 9.69 -7.72
CA PHE B 196 -18.14 10.83 -7.68
C PHE B 196 -17.93 11.26 -6.24
N LYS B 197 -16.66 11.43 -5.86
CA LYS B 197 -16.29 11.99 -4.57
C LYS B 197 -15.59 13.32 -4.81
N MET B 198 -16.22 14.41 -4.38
CA MET B 198 -15.67 15.75 -4.52
C MET B 198 -14.99 16.15 -3.22
N PHE B 199 -13.72 16.48 -3.30
CA PHE B 199 -12.93 16.91 -2.14
C PHE B 199 -12.80 18.43 -2.19
N ASP B 200 -13.46 19.11 -1.27
CA ASP B 200 -13.39 20.56 -1.16
C ASP B 200 -12.35 20.89 -0.08
N VAL B 201 -11.35 21.69 -0.46
CA VAL B 201 -10.25 22.02 0.43
C VAL B 201 -10.35 23.48 0.84
N GLY B 202 -11.57 24.02 0.83
CA GLY B 202 -11.76 25.41 1.22
C GLY B 202 -11.43 25.69 2.67
N GLY B 203 -11.51 24.68 3.53
CA GLY B 203 -11.17 24.83 4.92
C GLY B 203 -9.70 24.79 5.25
N GLN B 204 -8.84 24.60 4.25
CA GLN B 204 -7.40 24.57 4.44
C GLN B 204 -6.83 25.93 4.10
N ARG B 205 -6.33 26.64 5.10
CA ARG B 205 -5.73 27.96 4.91
C ARG B 205 -4.21 27.92 4.96
N SER B 206 -3.62 26.73 4.93
CA SER B 206 -2.17 26.58 4.97
C SER B 206 -1.58 26.75 3.57
N GLU B 207 -0.30 26.40 3.41
CA GLU B 207 0.33 26.47 2.11
C GLU B 207 -0.23 25.40 1.19
N ARG B 208 -0.56 25.79 -0.04
CA ARG B 208 -1.19 24.86 -0.97
C ARG B 208 -0.26 23.73 -1.35
N LYS B 209 1.02 24.04 -1.60
CA LYS B 209 1.96 23.02 -2.08
C LYS B 209 2.25 21.95 -1.04
N LYS B 210 2.02 22.23 0.24
CA LYS B 210 2.34 21.27 1.29
C LYS B 210 1.36 20.11 1.36
N TRP B 211 0.18 20.24 0.79
CA TRP B 211 -0.78 19.14 0.71
C TRP B 211 -1.34 18.94 -0.69
N ILE B 212 -0.89 19.68 -1.69
CA ILE B 212 -1.42 19.53 -3.05
C ILE B 212 -0.90 18.27 -3.69
N HIS B 213 0.21 17.72 -3.19
CA HIS B 213 0.73 16.47 -3.72
C HIS B 213 -0.14 15.28 -3.34
N CYS B 214 -1.01 15.44 -2.34
CA CYS B 214 -1.94 14.38 -1.97
C CYS B 214 -3.01 14.16 -3.03
N PHE B 215 -3.24 15.13 -3.91
CA PHE B 215 -4.29 15.05 -4.91
C PHE B 215 -3.75 14.76 -6.30
N GLU B 216 -2.70 13.96 -6.39
CA GLU B 216 -2.20 13.54 -7.71
C GLU B 216 -3.23 12.67 -8.43
N GLY B 217 -3.92 11.80 -7.70
CA GLY B 217 -4.80 10.83 -8.30
C GLY B 217 -6.18 11.32 -8.68
N VAL B 218 -6.52 12.58 -8.43
CA VAL B 218 -7.83 13.09 -8.80
C VAL B 218 -7.94 13.11 -10.32
N THR B 219 -9.07 12.59 -10.84
CA THR B 219 -9.24 12.52 -12.27
C THR B 219 -9.63 13.87 -12.88
N ALA B 220 -10.09 14.82 -12.08
CA ALA B 220 -10.45 16.13 -12.59
C ALA B 220 -10.47 17.14 -11.46
N ILE B 221 -10.29 18.40 -11.83
CA ILE B 221 -10.33 19.51 -10.89
C ILE B 221 -11.48 20.41 -11.30
N ILE B 222 -12.51 20.48 -10.46
CA ILE B 222 -13.67 21.33 -10.71
C ILE B 222 -13.34 22.70 -10.15
N PHE B 223 -12.96 23.62 -11.03
CA PHE B 223 -12.56 24.97 -10.65
C PHE B 223 -13.72 25.91 -10.90
N CYS B 224 -14.32 26.40 -9.82
CA CYS B 224 -15.47 27.31 -9.91
C CYS B 224 -14.97 28.75 -9.81
N VAL B 225 -15.40 29.58 -10.76
CA VAL B 225 -15.05 31.00 -10.76
C VAL B 225 -16.32 31.81 -10.94
N ALA B 226 -16.48 32.85 -10.12
CA ALA B 226 -17.68 33.67 -10.16
C ALA B 226 -17.54 34.80 -11.16
N LEU B 227 -18.62 35.07 -11.90
CA LEU B 227 -18.62 36.18 -12.84
C LEU B 227 -18.88 37.53 -12.18
N SER B 228 -19.22 37.53 -10.90
CA SER B 228 -19.39 38.76 -10.14
C SER B 228 -18.09 39.27 -9.54
N ASP B 229 -16.98 38.59 -9.79
CA ASP B 229 -15.69 38.95 -9.22
C ASP B 229 -14.96 40.02 -10.04
N TYR B 230 -15.53 40.43 -11.19
CA TYR B 230 -14.87 41.39 -12.05
C TYR B 230 -15.10 42.84 -11.63
N ASP B 231 -16.07 43.12 -10.76
CA ASP B 231 -16.39 44.48 -10.40
C ASP B 231 -16.35 44.75 -8.90
N LEU B 232 -15.98 43.77 -8.09
CA LEU B 232 -15.89 43.94 -6.64
C LEU B 232 -14.48 43.62 -6.18
N VAL B 233 -13.94 44.46 -5.31
CA VAL B 233 -12.57 44.31 -4.84
C VAL B 233 -12.53 43.56 -3.51
N ASN B 241 -10.37 43.28 -7.26
CA ASN B 241 -9.03 42.72 -7.11
C ASN B 241 -9.07 41.19 -7.11
N ARG B 242 -10.23 40.63 -6.73
CA ARG B 242 -10.37 39.19 -6.63
C ARG B 242 -10.37 38.50 -8.00
N MET B 243 -10.65 39.22 -9.08
CA MET B 243 -10.53 38.61 -10.39
C MET B 243 -9.09 38.23 -10.70
N HIS B 244 -8.14 39.09 -10.32
CA HIS B 244 -6.73 38.75 -10.48
C HIS B 244 -6.32 37.63 -9.52
N GLU B 245 -6.95 37.57 -8.34
CA GLU B 245 -6.71 36.46 -7.44
C GLU B 245 -7.14 35.14 -8.07
N SER B 246 -8.30 35.12 -8.71
CA SER B 246 -8.74 33.93 -9.43
C SER B 246 -7.79 33.63 -10.59
N MET B 247 -7.33 34.66 -11.30
CA MET B 247 -6.36 34.46 -12.37
C MET B 247 -5.12 33.73 -11.85
N LYS B 248 -4.52 34.26 -10.78
CA LYS B 248 -3.27 33.67 -10.29
C LYS B 248 -3.50 32.28 -9.71
N LEU B 249 -4.62 32.07 -9.02
CA LEU B 249 -4.91 30.76 -8.46
C LEU B 249 -5.08 29.73 -9.57
N PHE B 250 -5.84 30.07 -10.62
CA PHE B 250 -6.02 29.15 -11.73
C PHE B 250 -4.72 28.90 -12.47
N ASP B 251 -3.89 29.93 -12.63
CA ASP B 251 -2.60 29.74 -13.28
C ASP B 251 -1.74 28.77 -12.50
N SER B 252 -1.67 28.96 -11.17
CA SER B 252 -0.88 28.06 -10.34
C SER B 252 -1.43 26.63 -10.39
N ILE B 253 -2.75 26.49 -10.35
CA ILE B 253 -3.35 25.15 -10.38
C ILE B 253 -3.08 24.46 -11.70
N CYS B 254 -3.26 25.16 -12.81
CA CYS B 254 -3.05 24.58 -14.13
C CYS B 254 -1.58 24.44 -14.50
N ASN B 255 -0.67 25.02 -13.71
CA ASN B 255 0.75 24.88 -13.97
C ASN B 255 1.50 24.14 -12.87
N ASN B 256 0.79 23.46 -11.97
CA ASN B 256 1.46 22.62 -10.99
C ASN B 256 2.09 21.40 -11.68
N LYS B 257 3.23 20.96 -11.15
CA LYS B 257 3.86 19.76 -11.68
C LYS B 257 3.02 18.52 -11.41
N TRP B 258 2.23 18.52 -10.34
CA TRP B 258 1.41 17.36 -10.01
C TRP B 258 0.21 17.25 -10.94
N PHE B 259 -0.37 18.38 -11.31
CA PHE B 259 -1.58 18.42 -12.14
C PHE B 259 -1.28 18.55 -13.63
N THR B 260 -0.13 18.08 -14.08
CA THR B 260 0.25 18.23 -15.48
C THR B 260 -0.64 17.41 -16.42
N ASP B 261 -1.37 16.42 -15.90
CA ASP B 261 -2.18 15.56 -16.74
C ASP B 261 -3.62 15.47 -16.27
N THR B 262 -4.02 16.25 -15.27
CA THR B 262 -5.37 16.21 -14.73
C THR B 262 -6.21 17.30 -15.38
N SER B 263 -7.32 16.92 -16.01
CA SER B 263 -8.18 17.87 -16.67
C SER B 263 -8.85 18.79 -15.66
N ILE B 264 -9.14 20.01 -16.11
CA ILE B 264 -9.80 21.02 -15.28
C ILE B 264 -11.17 21.28 -15.86
N ILE B 265 -12.21 20.89 -15.13
CA ILE B 265 -13.58 21.25 -15.47
C ILE B 265 -13.86 22.60 -14.83
N LEU B 266 -14.02 23.63 -15.64
CA LEU B 266 -14.14 24.99 -15.15
C LEU B 266 -15.60 25.39 -15.19
N PHE B 267 -16.11 25.91 -14.08
CA PHE B 267 -17.49 26.35 -13.96
C PHE B 267 -17.53 27.87 -13.85
N LEU B 268 -18.42 28.49 -14.63
CA LEU B 268 -18.66 29.92 -14.57
C LEU B 268 -19.93 30.13 -13.76
N ASN B 269 -19.77 30.48 -12.49
CA ASN B 269 -20.89 30.58 -11.56
C ASN B 269 -21.27 32.06 -11.39
N LYS B 270 -22.53 32.28 -11.00
CA LYS B 270 -23.14 33.62 -10.97
C LYS B 270 -23.08 34.27 -12.35
N LYS B 271 -23.73 33.62 -13.32
CA LYS B 271 -23.85 34.17 -14.66
C LYS B 271 -25.14 34.95 -14.87
N ASP B 272 -26.21 34.57 -14.18
CA ASP B 272 -27.47 35.31 -14.31
C ASP B 272 -27.32 36.73 -13.81
N LEU B 273 -26.68 36.92 -12.66
CA LEU B 273 -26.43 38.28 -12.17
C LEU B 273 -25.54 39.06 -13.12
N PHE B 274 -24.53 38.39 -13.69
CA PHE B 274 -23.62 39.04 -14.62
C PHE B 274 -24.35 39.55 -15.85
N GLU B 275 -25.32 38.76 -16.36
CA GLU B 275 -25.99 39.12 -17.60
C GLU B 275 -26.65 40.49 -17.53
N GLU B 276 -27.17 40.87 -16.37
CA GLU B 276 -27.77 42.21 -16.22
C GLU B 276 -26.85 43.21 -15.55
N LYS B 277 -25.84 42.80 -14.80
CA LYS B 277 -24.96 43.79 -14.19
C LYS B 277 -23.79 44.18 -15.08
N ILE B 278 -23.60 43.51 -16.22
CA ILE B 278 -22.58 43.94 -17.17
C ILE B 278 -22.94 45.29 -17.77
N LYS B 279 -24.24 45.53 -18.01
CA LYS B 279 -24.67 46.81 -18.53
C LYS B 279 -24.37 47.94 -17.55
N LYS B 280 -24.61 47.70 -16.26
CA LYS B 280 -24.31 48.71 -15.26
C LYS B 280 -22.79 48.92 -15.12
N SER B 281 -22.05 47.82 -15.04
CA SER B 281 -20.59 47.86 -14.93
C SER B 281 -19.97 47.11 -16.10
N PRO B 282 -19.50 47.80 -17.13
CA PRO B 282 -18.91 47.11 -18.29
C PRO B 282 -17.63 46.39 -17.93
N LEU B 283 -17.31 45.37 -18.71
CA LEU B 283 -16.11 44.58 -18.49
C LEU B 283 -14.83 45.40 -18.69
N THR B 284 -14.93 46.54 -19.36
CA THR B 284 -13.76 47.41 -19.50
C THR B 284 -13.28 47.93 -18.15
N ILE B 285 -14.19 48.06 -17.18
CA ILE B 285 -13.79 48.46 -15.84
C ILE B 285 -12.87 47.41 -15.22
N CYS B 286 -13.25 46.13 -15.35
CA CYS B 286 -12.38 45.05 -14.87
C CYS B 286 -11.07 45.02 -15.64
N TYR B 287 -11.14 45.00 -16.97
CA TYR B 287 -9.96 44.95 -17.82
C TYR B 287 -10.04 46.03 -18.90
N PRO B 288 -9.27 47.11 -18.79
CA PRO B 288 -9.30 48.13 -19.85
C PRO B 288 -8.86 47.61 -21.21
N GLU B 289 -8.06 46.54 -21.24
CA GLU B 289 -7.62 45.96 -22.51
C GLU B 289 -8.76 45.33 -23.30
N TYR B 290 -9.92 45.12 -22.68
CA TYR B 290 -11.07 44.59 -23.40
C TYR B 290 -11.48 45.53 -24.52
N ALA B 291 -11.70 44.97 -25.71
CA ALA B 291 -12.07 45.74 -26.90
C ALA B 291 -13.19 44.99 -27.61
N GLY B 292 -14.43 45.34 -27.28
CA GLY B 292 -15.57 44.69 -27.90
C GLY B 292 -16.85 45.24 -27.33
N SER B 293 -17.97 44.71 -27.84
CA SER B 293 -19.28 45.13 -27.37
C SER B 293 -19.48 44.72 -25.92
N ASN B 294 -20.12 45.59 -25.14
CA ASN B 294 -20.36 45.31 -23.73
C ASN B 294 -21.58 44.41 -23.55
N THR B 295 -21.58 43.26 -24.20
CA THR B 295 -22.65 42.29 -24.10
C THR B 295 -22.17 41.07 -23.33
N TYR B 296 -23.13 40.39 -22.68
CA TYR B 296 -22.80 39.27 -21.81
C TYR B 296 -22.16 38.13 -22.59
N GLU B 297 -22.63 37.89 -23.82
CA GLU B 297 -22.05 36.82 -24.64
C GLU B 297 -20.58 37.08 -24.92
N GLU B 298 -20.25 38.30 -25.37
CA GLU B 298 -18.87 38.61 -25.69
C GLU B 298 -18.00 38.64 -24.44
N ALA B 299 -18.54 39.13 -23.32
CA ALA B 299 -17.77 39.12 -22.07
C ALA B 299 -17.48 37.69 -21.62
N ALA B 300 -18.47 36.79 -21.73
CA ALA B 300 -18.26 35.40 -21.37
C ALA B 300 -17.22 34.76 -22.29
N ALA B 301 -17.28 35.07 -23.59
CA ALA B 301 -16.28 34.56 -24.53
C ALA B 301 -14.89 35.06 -24.16
N TYR B 302 -14.77 36.33 -23.78
CA TYR B 302 -13.48 36.86 -23.37
C TYR B 302 -12.97 36.16 -22.11
N ILE B 303 -13.87 35.87 -21.17
CA ILE B 303 -13.47 35.19 -19.94
C ILE B 303 -12.97 33.77 -20.24
N GLN B 304 -13.72 33.03 -21.05
CA GLN B 304 -13.29 31.67 -21.39
C GLN B 304 -12.14 31.65 -22.38
N CYS B 305 -11.78 32.80 -22.95
CA CYS B 305 -10.54 32.90 -23.69
C CYS B 305 -9.37 33.18 -22.76
N GLN B 306 -9.56 34.05 -21.78
CA GLN B 306 -8.51 34.33 -20.80
C GLN B 306 -8.12 33.09 -20.03
N PHE B 307 -9.11 32.35 -19.53
CA PHE B 307 -8.82 31.17 -18.70
C PHE B 307 -8.04 30.13 -19.50
N GLU B 308 -8.44 29.88 -20.74
CA GLU B 308 -7.71 28.93 -21.59
C GLU B 308 -6.34 29.45 -22.03
N ASP B 309 -6.18 30.77 -22.20
CA ASP B 309 -4.86 31.30 -22.51
C ASP B 309 -3.92 31.15 -21.32
N LEU B 310 -4.48 31.19 -20.09
CA LEU B 310 -3.66 30.94 -18.91
C LEU B 310 -3.14 29.51 -18.85
N ASN B 311 -3.72 28.59 -19.60
CA ASN B 311 -3.23 27.23 -19.64
C ASN B 311 -1.91 27.15 -20.39
N LYS B 312 -1.02 26.26 -19.90
CA LYS B 312 0.28 26.04 -20.53
C LYS B 312 0.45 24.62 -21.04
N ARG B 313 -0.29 23.66 -20.52
CA ARG B 313 -0.18 22.24 -20.91
C ARG B 313 -1.32 21.81 -21.82
N LYS B 314 -1.70 22.68 -22.77
CA LYS B 314 -2.84 22.41 -23.64
C LYS B 314 -2.70 21.08 -24.39
N ASP B 315 -1.46 20.68 -24.72
CA ASP B 315 -1.28 19.43 -25.44
C ASP B 315 -1.57 18.21 -24.57
N THR B 316 -1.19 18.25 -23.30
CA THR B 316 -1.46 17.13 -22.41
C THR B 316 -2.87 17.18 -21.81
N LYS B 317 -3.18 18.26 -21.09
CA LYS B 317 -4.47 18.40 -20.44
C LYS B 317 -5.38 19.30 -21.27
N GLU B 318 -6.65 19.33 -20.88
CA GLU B 318 -7.64 20.19 -21.51
C GLU B 318 -8.52 20.82 -20.45
N ILE B 319 -9.00 22.02 -20.74
CA ILE B 319 -9.91 22.74 -19.86
C ILE B 319 -11.31 22.66 -20.46
N TYR B 320 -12.22 22.04 -19.72
CA TYR B 320 -13.62 21.92 -20.16
C TYR B 320 -14.40 23.04 -19.47
N THR B 321 -14.57 24.14 -20.18
CA THR B 321 -15.28 25.29 -19.62
C THR B 321 -16.78 25.12 -19.79
N HIS B 322 -17.53 25.62 -18.82
CA HIS B 322 -18.98 25.49 -18.85
C HIS B 322 -19.60 26.60 -18.02
N PHE B 323 -20.87 26.89 -18.33
CA PHE B 323 -21.64 27.90 -17.61
C PHE B 323 -22.77 27.21 -16.87
N THR B 324 -22.97 27.59 -15.60
CA THR B 324 -23.88 26.86 -14.73
C THR B 324 -25.32 26.95 -15.22
N CYS B 325 -25.76 28.13 -15.63
CA CYS B 325 -27.13 28.39 -16.07
C CYS B 325 -28.15 28.11 -14.97
N ALA B 326 -27.71 28.14 -13.71
CA ALA B 326 -28.61 28.02 -12.55
C ALA B 326 -29.45 26.75 -12.59
N THR B 327 -28.85 25.65 -13.04
CA THR B 327 -29.51 24.36 -13.05
C THR B 327 -28.55 23.29 -12.55
N ASP B 328 -29.10 22.23 -11.96
CA ASP B 328 -28.31 21.16 -11.37
C ASP B 328 -28.12 19.97 -12.31
N THR B 329 -29.20 19.47 -12.91
CA THR B 329 -29.09 18.25 -13.72
C THR B 329 -28.14 18.46 -14.89
N LYS B 330 -28.23 19.60 -15.57
CA LYS B 330 -27.36 19.84 -16.71
C LYS B 330 -25.92 20.00 -16.27
N ASN B 331 -25.68 20.63 -15.12
CA ASN B 331 -24.32 20.75 -14.60
C ASN B 331 -23.72 19.38 -14.30
N VAL B 332 -24.49 18.52 -13.64
CA VAL B 332 -23.98 17.18 -13.33
C VAL B 332 -23.77 16.38 -14.60
N GLN B 333 -24.65 16.59 -15.59
CA GLN B 333 -24.48 15.90 -16.88
C GLN B 333 -23.20 16.34 -17.57
N PHE B 334 -22.90 17.63 -17.53
CA PHE B 334 -21.63 18.12 -18.09
C PHE B 334 -20.44 17.54 -17.35
N VAL B 335 -20.52 17.48 -16.01
CA VAL B 335 -19.42 16.92 -15.23
C VAL B 335 -19.20 15.46 -15.60
N PHE B 336 -20.29 14.70 -15.76
CA PHE B 336 -20.18 13.30 -16.15
C PHE B 336 -19.60 13.17 -17.55
N ASP B 337 -19.99 14.04 -18.47
CA ASP B 337 -19.41 14.00 -19.82
C ASP B 337 -17.92 14.27 -19.78
N ALA B 338 -17.50 15.28 -19.01
CA ALA B 338 -16.08 15.57 -18.91
C ALA B 338 -15.31 14.40 -18.28
N VAL B 339 -15.89 13.78 -17.25
CA VAL B 339 -15.22 12.66 -16.59
C VAL B 339 -15.09 11.48 -17.53
N THR B 340 -16.17 11.14 -18.25
CA THR B 340 -16.07 10.01 -19.18
C THR B 340 -15.14 10.33 -20.34
N ASP B 341 -15.07 11.59 -20.76
CA ASP B 341 -14.11 11.97 -21.79
C ASP B 341 -12.69 11.79 -21.28
N VAL B 342 -12.43 12.15 -20.02
CA VAL B 342 -11.11 11.92 -19.44
C VAL B 342 -10.81 10.43 -19.37
N ILE B 343 -11.79 9.62 -19.01
CA ILE B 343 -11.58 8.17 -18.92
C ILE B 343 -11.23 7.59 -20.28
N ILE B 344 -11.97 8.00 -21.32
CA ILE B 344 -11.70 7.46 -22.66
C ILE B 344 -10.37 7.98 -23.19
N LYS B 345 -10.00 9.22 -22.87
CA LYS B 345 -8.68 9.73 -23.23
C LYS B 345 -7.59 8.93 -22.55
N ASN B 346 -7.78 8.58 -21.27
CA ASN B 346 -6.79 7.77 -20.57
C ASN B 346 -6.69 6.38 -21.17
N ASN B 347 -7.82 5.81 -21.58
CA ASN B 347 -7.78 4.49 -22.22
C ASN B 347 -7.05 4.56 -23.57
N LEU B 348 -7.29 5.62 -24.35
CA LEU B 348 -6.51 5.79 -25.58
C LEU B 348 -5.03 5.98 -25.28
N LYS B 349 -4.71 6.68 -24.19
CA LYS B 349 -3.31 6.84 -23.80
C LYS B 349 -2.67 5.50 -23.47
N ASP B 350 -3.40 4.65 -22.75
CA ASP B 350 -2.91 3.30 -22.46
C ASP B 350 -2.80 2.48 -23.73
N CYS B 351 -3.65 2.73 -24.72
CA CYS B 351 -3.54 2.04 -25.99
C CYS B 351 -2.34 2.55 -26.80
N GLY B 352 -1.96 3.81 -26.59
CA GLY B 352 -0.89 4.44 -27.35
C GLY B 352 -1.36 5.48 -28.34
N LEU B 353 -2.65 5.83 -28.37
CA LEU B 353 -3.20 6.76 -29.35
C LEU B 353 -3.41 8.16 -28.78
N PHE B 354 -4.08 8.26 -27.63
CA PHE B 354 -4.52 9.52 -27.03
C PHE B 354 -5.55 10.24 -27.91
N ILE C 19 27.85 -21.80 -50.50
CA ILE C 19 28.06 -22.08 -49.08
C ILE C 19 28.07 -20.78 -48.29
N THR C 20 28.74 -19.76 -48.84
CA THR C 20 28.81 -18.47 -48.16
C THR C 20 27.43 -17.86 -48.00
N GLU C 21 26.59 -17.95 -49.04
CA GLU C 21 25.23 -17.45 -48.93
C GLU C 21 24.44 -18.22 -47.87
N LYS C 22 24.62 -19.54 -47.83
CA LYS C 22 23.95 -20.35 -46.81
C LYS C 22 24.42 -19.97 -45.41
N MET C 23 25.72 -19.74 -45.24
CA MET C 23 26.23 -19.30 -43.95
C MET C 23 25.67 -17.94 -43.56
N LEU C 24 25.55 -17.03 -44.53
CA LEU C 24 24.96 -15.72 -44.25
C LEU C 24 23.51 -15.85 -43.81
N ILE C 25 22.74 -16.70 -44.50
CA ILE C 25 21.34 -16.91 -44.13
C ILE C 25 21.26 -17.51 -42.73
N CYS C 26 22.11 -18.49 -42.43
CA CYS C 26 22.09 -19.11 -41.10
C CYS C 26 22.43 -18.09 -40.02
N MET C 27 23.45 -17.26 -40.25
CA MET C 27 23.82 -16.26 -39.26
C MET C 27 22.70 -15.23 -39.07
N THR C 28 22.08 -14.81 -40.16
CA THR C 28 20.97 -13.86 -40.06
C THR C 28 19.82 -14.44 -39.26
N LEU C 29 19.49 -15.71 -39.51
CA LEU C 29 18.38 -16.33 -38.79
C LEU C 29 18.71 -16.55 -37.31
N VAL C 30 19.96 -16.90 -37.01
CA VAL C 30 20.37 -17.01 -35.61
C VAL C 30 20.26 -15.67 -34.91
N VAL C 31 20.69 -14.60 -35.58
CA VAL C 31 20.56 -13.26 -35.01
C VAL C 31 19.08 -12.93 -34.77
N ILE C 32 18.23 -13.27 -35.74
CA ILE C 32 16.80 -12.95 -35.61
C ILE C 32 16.20 -13.68 -34.43
N THR C 33 16.47 -14.98 -34.30
CA THR C 33 15.86 -15.75 -33.22
C THR C 33 16.43 -15.34 -31.85
N THR C 34 17.72 -15.00 -31.79
CA THR C 34 18.26 -14.49 -30.53
C THR C 34 17.62 -13.17 -30.13
N LEU C 35 17.41 -12.28 -31.12
CA LEU C 35 16.72 -11.03 -30.82
C LEU C 35 15.30 -11.28 -30.34
N THR C 36 14.59 -12.21 -30.96
CA THR C 36 13.24 -12.55 -30.51
C THR C 36 13.25 -13.02 -29.07
N THR C 37 14.16 -13.95 -28.75
CA THR C 37 14.23 -14.49 -27.40
C THR C 37 14.56 -13.40 -26.39
N LEU C 38 15.54 -12.55 -26.70
CA LEU C 38 15.94 -11.51 -25.78
C LEU C 38 14.82 -10.50 -25.54
N LEU C 39 14.14 -10.09 -26.61
CA LEU C 39 13.07 -9.11 -26.46
C LEU C 39 11.89 -9.71 -25.68
N ASN C 40 11.53 -10.95 -25.97
CA ASN C 40 10.44 -11.59 -25.24
C ASN C 40 10.77 -11.74 -23.76
N LEU C 41 12.01 -12.14 -23.46
CA LEU C 41 12.43 -12.25 -22.07
C LEU C 41 12.41 -10.89 -21.37
N ALA C 42 12.86 -9.84 -22.08
CA ALA C 42 12.84 -8.51 -21.48
C ALA C 42 11.43 -8.04 -21.19
N VAL C 43 10.50 -8.27 -22.13
CA VAL C 43 9.11 -7.86 -21.91
C VAL C 43 8.51 -8.63 -20.74
N ILE C 44 8.75 -9.94 -20.69
CA ILE C 44 8.20 -10.75 -19.59
C ILE C 44 8.77 -10.30 -18.25
N MET C 45 10.08 -10.06 -18.20
CA MET C 45 10.71 -9.62 -16.96
C MET C 45 10.18 -8.26 -16.52
N ALA C 46 10.04 -7.32 -17.46
CA ALA C 46 9.53 -6.00 -17.11
C ALA C 46 8.10 -6.08 -16.58
N ILE C 47 7.25 -6.89 -17.23
CA ILE C 47 5.87 -7.01 -16.78
C ILE C 47 5.82 -7.66 -15.40
N GLY C 48 6.63 -8.69 -15.18
CA GLY C 48 6.61 -9.38 -13.89
C GLY C 48 7.27 -8.62 -12.76
N THR C 49 8.17 -7.69 -13.06
CA THR C 49 8.88 -6.95 -12.02
C THR C 49 8.21 -5.62 -11.70
N THR C 50 7.79 -4.86 -12.71
CA THR C 50 7.18 -3.57 -12.45
C THR C 50 5.82 -3.75 -11.79
N LYS C 51 5.60 -3.01 -10.71
CA LYS C 51 4.38 -3.15 -9.92
C LYS C 51 3.24 -2.27 -10.42
N LYS C 52 3.49 -1.43 -11.42
CA LYS C 52 2.45 -0.60 -12.01
C LYS C 52 1.84 -1.22 -13.26
N LEU C 53 2.37 -2.35 -13.72
CA LEU C 53 1.93 -2.99 -14.96
C LEU C 53 1.10 -4.25 -14.70
N HIS C 54 0.41 -4.30 -13.55
CA HIS C 54 -0.42 -5.46 -13.23
C HIS C 54 -1.88 -5.14 -13.56
N GLN C 55 -2.17 -5.13 -14.85
CA GLN C 55 -3.50 -4.87 -15.40
C GLN C 55 -3.85 -5.96 -16.39
N PRO C 56 -5.16 -6.20 -16.61
CA PRO C 56 -5.53 -7.29 -17.55
C PRO C 56 -5.00 -7.10 -18.95
N ALA C 57 -4.92 -5.86 -19.45
CA ALA C 57 -4.33 -5.64 -20.76
C ALA C 57 -2.86 -6.04 -20.77
N ASN C 58 -2.13 -5.69 -19.70
CA ASN C 58 -0.74 -6.10 -19.60
C ASN C 58 -0.61 -7.61 -19.47
N TYR C 59 -1.58 -8.26 -18.83
CA TYR C 59 -1.56 -9.72 -18.77
C TYR C 59 -1.74 -10.33 -20.16
N LEU C 60 -2.64 -9.75 -20.96
CA LEU C 60 -2.79 -10.21 -22.33
C LEU C 60 -1.52 -10.01 -23.14
N ILE C 61 -0.87 -8.85 -22.97
CA ILE C 61 0.38 -8.60 -23.69
C ILE C 61 1.46 -9.58 -23.23
N CYS C 62 1.49 -9.90 -21.94
CA CYS C 62 2.47 -10.85 -21.44
C CYS C 62 2.20 -12.25 -21.96
N SER C 63 0.93 -12.64 -22.09
CA SER C 63 0.59 -13.93 -22.69
C SER C 63 1.03 -13.98 -24.15
N LEU C 64 0.83 -12.88 -24.87
CA LEU C 64 1.32 -12.80 -26.24
C LEU C 64 2.83 -12.94 -26.29
N ALA C 65 3.53 -12.31 -25.35
CA ALA C 65 4.99 -12.43 -25.28
C ALA C 65 5.40 -13.86 -24.96
N VAL C 66 4.63 -14.55 -24.12
CA VAL C 66 4.92 -15.94 -23.80
C VAL C 66 4.78 -16.83 -25.02
N THR C 67 3.69 -16.63 -25.78
CA THR C 67 3.53 -17.37 -27.03
C THR C 67 4.65 -17.08 -28.01
N ASP C 68 5.06 -15.81 -28.07
CA ASP C 68 6.15 -15.41 -28.96
C ASP C 68 7.45 -16.09 -28.55
N LEU C 69 7.70 -16.17 -27.24
CA LEU C 69 8.91 -16.85 -26.75
C LEU C 69 8.85 -18.34 -27.06
N LEU C 70 7.66 -18.93 -26.95
CA LEU C 70 7.50 -20.34 -27.34
C LEU C 70 7.91 -20.53 -28.79
N VAL C 71 7.40 -19.68 -29.69
CA VAL C 71 7.82 -19.74 -31.08
C VAL C 71 9.34 -19.61 -31.19
N ALA C 72 9.90 -18.61 -30.50
CA ALA C 72 11.31 -18.27 -30.66
C ALA C 72 12.23 -19.41 -30.25
N VAL C 73 11.93 -20.06 -29.11
CA VAL C 73 12.84 -21.06 -28.56
C VAL C 73 12.35 -22.47 -28.80
N LEU C 74 11.31 -22.67 -29.61
CA LEU C 74 10.86 -24.01 -29.93
C LEU C 74 10.71 -24.28 -31.42
N VAL C 75 10.55 -23.26 -32.26
CA VAL C 75 10.31 -23.43 -33.69
C VAL C 75 11.43 -22.84 -34.53
N MET C 76 11.86 -21.62 -34.20
CA MET C 76 12.84 -20.91 -35.04
C MET C 76 14.15 -21.68 -35.20
N PRO C 77 14.78 -22.21 -34.14
CA PRO C 77 16.02 -22.98 -34.37
C PRO C 77 15.80 -24.21 -35.24
N LEU C 78 14.67 -24.89 -35.10
CA LEU C 78 14.40 -26.05 -35.94
C LEU C 78 14.26 -25.63 -37.40
N SER C 79 13.58 -24.51 -37.66
CA SER C 79 13.50 -24.01 -39.03
C SER C 79 14.89 -23.65 -39.56
N ILE C 80 15.71 -23.03 -38.73
CA ILE C 80 17.05 -22.64 -39.15
C ILE C 80 17.85 -23.87 -39.57
N ILE C 81 17.86 -24.89 -38.73
CA ILE C 81 18.63 -26.09 -39.06
C ILE C 81 18.04 -26.82 -40.25
N TYR C 82 16.71 -26.86 -40.38
CA TYR C 82 16.09 -27.59 -41.48
C TYR C 82 16.38 -26.95 -42.82
N ILE C 83 16.28 -25.62 -42.91
CA ILE C 83 16.46 -25.00 -44.23
C ILE C 83 17.88 -25.15 -44.73
N VAL C 84 18.86 -25.30 -43.83
CA VAL C 84 20.26 -25.42 -44.26
C VAL C 84 20.65 -26.88 -44.46
N MET C 85 20.15 -27.80 -43.62
CA MET C 85 20.49 -29.21 -43.79
C MET C 85 19.73 -29.85 -44.94
N ASP C 86 18.52 -29.37 -45.24
CA ASP C 86 17.64 -30.01 -46.22
C ASP C 86 17.38 -31.47 -45.87
N ARG C 87 17.44 -31.79 -44.57
CA ARG C 87 17.33 -33.15 -44.08
C ARG C 87 16.73 -33.10 -42.69
N TRP C 88 15.79 -34.01 -42.42
CA TRP C 88 15.12 -34.10 -41.13
C TRP C 88 15.33 -35.52 -40.58
N LYS C 89 16.39 -35.69 -39.80
CA LYS C 89 16.71 -36.97 -39.17
C LYS C 89 15.98 -37.17 -37.84
N LEU C 90 15.28 -36.13 -37.34
CA LEU C 90 14.61 -36.26 -36.06
C LEU C 90 13.49 -37.27 -36.07
N GLY C 91 12.94 -37.59 -37.24
CA GLY C 91 11.90 -38.61 -37.32
C GLY C 91 10.58 -38.09 -37.85
N TYR C 92 9.77 -38.99 -38.40
CA TYR C 92 8.45 -38.60 -38.92
C TYR C 92 7.55 -38.11 -37.80
N PHE C 93 7.55 -38.79 -36.66
CA PHE C 93 6.74 -38.34 -35.53
C PHE C 93 7.20 -36.98 -35.02
N LEU C 94 8.51 -36.77 -34.95
CA LEU C 94 9.03 -35.46 -34.52
C LEU C 94 8.65 -34.37 -35.51
N CYS C 95 8.70 -34.67 -36.82
CA CYS C 95 8.28 -33.69 -37.81
C CYS C 95 6.80 -33.36 -37.67
N GLU C 96 5.97 -34.37 -37.41
CA GLU C 96 4.55 -34.13 -37.19
C GLU C 96 4.33 -33.26 -35.96
N VAL C 97 5.04 -33.54 -34.87
CA VAL C 97 4.91 -32.74 -33.65
C VAL C 97 5.33 -31.30 -33.91
N TRP C 98 6.46 -31.11 -34.62
CA TRP C 98 6.93 -29.76 -34.91
C TRP C 98 5.92 -29.01 -35.78
N LEU C 99 5.41 -29.66 -36.83
CA LEU C 99 4.48 -28.98 -37.72
C LEU C 99 3.11 -28.77 -37.10
N SER C 100 2.77 -29.51 -36.06
CA SER C 100 1.51 -29.26 -35.37
C SER C 100 1.67 -28.16 -34.33
N VAL C 101 2.75 -28.18 -33.56
CA VAL C 101 2.98 -27.14 -32.56
C VAL C 101 3.24 -25.80 -33.24
N ASP C 102 3.83 -25.81 -34.44
CA ASP C 102 4.02 -24.57 -35.18
C ASP C 102 2.67 -23.92 -35.48
N MET C 103 1.75 -24.68 -36.05
CA MET C 103 0.42 -24.15 -36.34
C MET C 103 -0.26 -23.69 -35.07
N THR C 104 -0.21 -24.53 -34.02
CA THR C 104 -0.88 -24.19 -32.76
C THR C 104 -0.38 -22.85 -32.23
N CYS C 105 0.93 -22.69 -32.11
CA CYS C 105 1.48 -21.52 -31.46
C CYS C 105 1.41 -20.27 -32.34
N CYS C 106 1.54 -20.41 -33.66
CA CYS C 106 1.39 -19.26 -34.54
C CYS C 106 -0.05 -18.76 -34.56
N THR C 107 -1.01 -19.68 -34.65
CA THR C 107 -2.40 -19.28 -34.55
C THR C 107 -2.71 -18.69 -33.18
N CYS C 108 -2.05 -19.19 -32.14
CA CYS C 108 -2.19 -18.61 -30.81
C CYS C 108 -1.71 -17.16 -30.79
N SER C 109 -0.57 -16.88 -31.43
CA SER C 109 -0.08 -15.51 -31.49
C SER C 109 -1.05 -14.61 -32.26
N ILE C 110 -1.56 -15.10 -33.39
CA ILE C 110 -2.48 -14.29 -34.19
C ILE C 110 -3.75 -13.99 -33.41
N TRP C 111 -4.27 -14.99 -32.69
CA TRP C 111 -5.49 -14.75 -31.92
C TRP C 111 -5.22 -13.92 -30.67
N HIS C 112 -3.99 -13.92 -30.16
CA HIS C 112 -3.64 -12.93 -29.14
C HIS C 112 -3.69 -11.51 -29.70
N LEU C 113 -3.19 -11.32 -30.93
CA LEU C 113 -3.35 -10.01 -31.56
C LEU C 113 -4.82 -9.63 -31.67
N CYS C 114 -5.65 -10.58 -32.12
CA CYS C 114 -7.08 -10.31 -32.26
C CYS C 114 -7.73 -9.98 -30.92
N VAL C 115 -7.39 -10.73 -29.87
CA VAL C 115 -8.04 -10.52 -28.57
C VAL C 115 -7.54 -9.23 -27.92
N ILE C 116 -6.29 -8.84 -28.17
CA ILE C 116 -5.83 -7.54 -27.68
C ILE C 116 -6.55 -6.41 -28.42
N ALA C 117 -6.79 -6.60 -29.72
CA ALA C 117 -7.59 -5.61 -30.45
C ALA C 117 -8.99 -5.52 -29.87
N LEU C 118 -9.60 -6.65 -29.54
CA LEU C 118 -10.92 -6.64 -28.92
C LEU C 118 -10.90 -5.95 -27.57
N ASP C 119 -9.88 -6.21 -26.76
CA ASP C 119 -9.76 -5.56 -25.46
C ASP C 119 -9.65 -4.05 -25.61
N ARG C 120 -8.82 -3.60 -26.55
CA ARG C 120 -8.70 -2.16 -26.78
C ARG C 120 -10.02 -1.57 -27.30
N TYR C 121 -10.73 -2.30 -28.17
CA TYR C 121 -12.01 -1.80 -28.65
C TYR C 121 -12.98 -1.61 -27.50
N TRP C 122 -13.07 -2.60 -26.60
CA TRP C 122 -13.93 -2.45 -25.43
C TRP C 122 -13.51 -1.25 -24.59
N ALA C 123 -12.21 -1.17 -24.27
CA ALA C 123 -11.69 -0.11 -23.40
C ALA C 123 -11.84 1.28 -24.01
N ILE C 124 -11.97 1.39 -25.34
CA ILE C 124 -12.15 2.69 -25.96
C ILE C 124 -13.61 3.05 -26.18
N THR C 125 -14.46 2.08 -26.50
CA THR C 125 -15.86 2.36 -26.81
C THR C 125 -16.76 2.32 -25.59
N ASN C 126 -16.65 1.29 -24.76
CA ASN C 126 -17.54 1.14 -23.62
C ASN C 126 -16.77 1.24 -22.32
N ALA C 127 -15.89 2.25 -22.23
CA ALA C 127 -14.90 2.31 -21.15
C ALA C 127 -15.54 2.31 -19.77
N ILE C 128 -16.62 3.07 -19.59
CA ILE C 128 -17.15 3.34 -18.26
C ILE C 128 -17.46 2.05 -17.51
N GLU C 129 -18.19 1.14 -18.16
CA GLU C 129 -18.53 -0.13 -17.53
C GLU C 129 -17.58 -1.25 -17.90
N TYR C 130 -16.81 -1.12 -18.99
CA TYR C 130 -15.86 -2.18 -19.32
C TYR C 130 -14.68 -2.18 -18.35
N ALA C 131 -14.30 -1.01 -17.83
CA ALA C 131 -13.31 -0.98 -16.77
C ALA C 131 -13.85 -1.61 -15.50
N ARG C 132 -15.15 -1.44 -15.24
CA ARG C 132 -15.78 -2.08 -14.09
C ARG C 132 -15.77 -3.59 -14.23
N LYS C 133 -16.08 -4.10 -15.42
CA LYS C 133 -16.19 -5.53 -15.66
C LYS C 133 -14.88 -6.18 -16.08
N ARG C 134 -13.81 -5.40 -16.24
CA ARG C 134 -12.54 -5.94 -16.69
C ARG C 134 -11.77 -6.52 -15.50
N THR C 135 -11.44 -7.81 -15.57
CA THR C 135 -10.77 -8.49 -14.48
C THR C 135 -9.68 -9.40 -15.03
N ALA C 136 -8.74 -9.74 -14.15
CA ALA C 136 -7.74 -10.74 -14.50
C ALA C 136 -8.38 -12.07 -14.83
N LYS C 137 -9.54 -12.36 -14.22
CA LYS C 137 -10.29 -13.54 -14.61
C LYS C 137 -10.76 -13.45 -16.06
N ARG C 138 -11.23 -12.26 -16.47
CA ARG C 138 -11.64 -12.08 -17.86
C ARG C 138 -10.45 -12.20 -18.81
N ALA C 139 -9.30 -11.66 -18.43
CA ALA C 139 -8.09 -11.81 -19.25
C ALA C 139 -7.70 -13.27 -19.37
N ALA C 140 -7.76 -14.02 -18.27
CA ALA C 140 -7.47 -15.44 -18.31
C ALA C 140 -8.45 -16.19 -19.20
N LEU C 141 -9.72 -15.81 -19.15
CA LEU C 141 -10.72 -16.42 -20.02
C LEU C 141 -10.41 -16.15 -21.49
N MET C 142 -9.98 -14.93 -21.80
CA MET C 142 -9.64 -14.58 -23.18
C MET C 142 -8.43 -15.38 -23.66
N ILE C 143 -7.40 -15.50 -22.82
CA ILE C 143 -6.23 -16.29 -23.18
C ILE C 143 -6.61 -17.76 -23.36
N LEU C 144 -7.48 -18.27 -22.49
CA LEU C 144 -7.95 -19.64 -22.63
C LEU C 144 -8.69 -19.81 -23.94
N THR C 145 -9.53 -18.83 -24.31
CA THR C 145 -10.29 -18.94 -25.55
C THR C 145 -9.37 -18.99 -26.76
N VAL C 146 -8.34 -18.14 -26.80
CA VAL C 146 -7.46 -18.15 -27.95
C VAL C 146 -6.64 -19.45 -27.98
N TRP C 147 -6.21 -19.94 -26.82
CA TRP C 147 -5.47 -21.20 -26.79
C TRP C 147 -6.32 -22.36 -27.28
N THR C 148 -7.58 -22.45 -26.83
CA THR C 148 -8.43 -23.56 -27.26
C THR C 148 -8.79 -23.44 -28.74
N ILE C 149 -9.01 -22.23 -29.25
CA ILE C 149 -9.31 -22.13 -30.68
C ILE C 149 -8.11 -22.54 -31.51
N SER C 150 -6.89 -22.18 -31.07
CA SER C 150 -5.70 -22.64 -31.77
C SER C 150 -5.57 -24.16 -31.71
N ILE C 151 -5.83 -24.75 -30.54
CA ILE C 151 -5.75 -26.20 -30.40
C ILE C 151 -6.76 -26.89 -31.31
N PHE C 152 -7.99 -26.39 -31.34
CA PHE C 152 -9.01 -26.98 -32.22
C PHE C 152 -8.62 -26.83 -33.68
N ILE C 153 -7.94 -25.74 -34.03
CA ILE C 153 -7.52 -25.55 -35.41
C ILE C 153 -6.43 -26.56 -35.78
N SER C 154 -5.47 -26.77 -34.89
CA SER C 154 -4.24 -27.47 -35.26
C SER C 154 -4.23 -28.95 -34.96
N MET C 155 -4.86 -29.41 -33.88
CA MET C 155 -4.67 -30.80 -33.45
C MET C 155 -5.23 -31.84 -34.41
N PRO C 156 -6.47 -31.72 -34.92
CA PRO C 156 -7.11 -32.90 -35.58
C PRO C 156 -6.35 -33.44 -36.77
N PRO C 157 -5.49 -32.66 -37.45
CA PRO C 157 -4.57 -33.30 -38.41
C PRO C 157 -3.78 -34.44 -37.81
N LEU C 158 -3.29 -34.29 -36.58
CA LEU C 158 -2.60 -35.40 -35.91
C LEU C 158 -3.52 -36.60 -35.72
N PHE C 159 -4.83 -36.39 -35.71
CA PHE C 159 -5.77 -37.50 -35.53
C PHE C 159 -6.05 -38.21 -36.85
N TRP C 160 -6.41 -37.46 -37.90
CA TRP C 160 -6.86 -38.10 -39.14
C TRP C 160 -5.76 -38.21 -40.19
N ARG C 161 -4.98 -37.14 -40.39
CA ARG C 161 -3.95 -37.17 -41.43
C ARG C 161 -2.76 -38.05 -41.05
N SER C 162 -2.65 -38.45 -39.79
CA SER C 162 -1.53 -39.29 -39.36
C SER C 162 -1.91 -40.77 -39.42
N PRO C 170 10.68 -38.81 -45.56
CA PRO C 170 11.72 -39.05 -44.56
C PRO C 170 12.85 -38.02 -44.64
N SER C 171 13.48 -37.94 -45.82
CA SER C 171 14.56 -36.97 -46.00
C SER C 171 14.06 -35.54 -45.85
N GLN C 172 12.91 -35.23 -46.44
CA GLN C 172 12.31 -33.91 -46.33
C GLN C 172 10.83 -34.05 -46.03
N CYS C 173 10.34 -33.26 -45.08
CA CYS C 173 8.93 -33.26 -44.70
C CYS C 173 8.41 -31.83 -44.70
N THR C 174 7.28 -31.62 -45.36
CA THR C 174 6.67 -30.30 -45.47
C THR C 174 5.18 -30.35 -45.17
N ILE C 175 4.47 -29.27 -45.47
CA ILE C 175 3.03 -29.24 -45.22
C ILE C 175 2.34 -30.29 -46.09
N GLN C 176 1.47 -31.08 -45.47
CA GLN C 176 0.74 -32.13 -46.15
C GLN C 176 -0.62 -31.59 -46.58
N HIS C 177 -0.79 -31.37 -47.88
CA HIS C 177 -2.07 -30.90 -48.42
C HIS C 177 -2.91 -32.12 -48.79
N ASP C 178 -3.65 -32.63 -47.81
CA ASP C 178 -4.49 -33.80 -48.02
C ASP C 178 -5.91 -33.40 -48.41
N HIS C 179 -6.57 -32.61 -47.56
CA HIS C 179 -7.94 -32.20 -47.80
C HIS C 179 -7.98 -30.70 -48.08
N VAL C 180 -8.55 -30.33 -49.22
CA VAL C 180 -8.76 -28.91 -49.53
C VAL C 180 -9.73 -28.29 -48.55
N ILE C 181 -10.72 -29.05 -48.09
CA ILE C 181 -11.65 -28.55 -47.08
C ILE C 181 -10.92 -28.26 -45.78
N TYR C 182 -10.00 -29.14 -45.37
CA TYR C 182 -9.20 -28.87 -44.19
C TYR C 182 -8.32 -27.65 -44.40
N THR C 183 -7.72 -27.52 -45.59
CA THR C 183 -6.83 -26.39 -45.84
C THR C 183 -7.60 -25.06 -45.77
N ILE C 184 -8.78 -25.00 -46.37
CA ILE C 184 -9.56 -23.77 -46.36
C ILE C 184 -10.05 -23.47 -44.95
N TYR C 185 -10.49 -24.52 -44.23
CA TYR C 185 -10.89 -24.33 -42.84
C TYR C 185 -9.76 -23.75 -42.02
N SER C 186 -8.56 -24.32 -42.17
CA SER C 186 -7.41 -23.87 -41.38
C SER C 186 -7.06 -22.43 -41.70
N THR C 187 -6.97 -22.09 -43.00
CA THR C 187 -6.55 -20.74 -43.34
C THR C 187 -7.57 -19.70 -42.91
N LEU C 188 -8.87 -19.96 -43.14
CA LEU C 188 -9.89 -19.03 -42.68
C LEU C 188 -9.90 -18.89 -41.16
N GLY C 189 -9.82 -20.00 -40.42
CA GLY C 189 -9.89 -19.90 -38.98
C GLY C 189 -8.63 -19.37 -38.33
N ALA C 190 -7.49 -19.46 -39.00
CA ALA C 190 -6.22 -19.08 -38.40
C ALA C 190 -5.75 -17.70 -38.82
N PHE C 191 -6.08 -17.23 -40.03
CA PHE C 191 -5.61 -15.90 -40.40
C PHE C 191 -6.72 -14.98 -40.89
N TYR C 192 -7.68 -15.52 -41.64
CA TYR C 192 -8.66 -14.63 -42.28
C TYR C 192 -9.69 -14.10 -41.28
N ILE C 193 -10.21 -14.96 -40.40
CA ILE C 193 -11.09 -14.49 -39.34
C ILE C 193 -10.38 -13.53 -38.40
N PRO C 194 -9.20 -13.84 -37.86
CA PRO C 194 -8.51 -12.83 -37.04
C PRO C 194 -8.19 -11.56 -37.79
N LEU C 195 -7.87 -11.66 -39.08
CA LEU C 195 -7.54 -10.48 -39.86
C LEU C 195 -8.75 -9.56 -40.00
N THR C 196 -9.89 -10.13 -40.38
CA THR C 196 -11.08 -9.30 -40.53
C THR C 196 -11.54 -8.75 -39.18
N LEU C 197 -11.38 -9.53 -38.12
CA LEU C 197 -11.75 -9.03 -36.79
C LEU C 197 -10.87 -7.86 -36.39
N ILE C 198 -9.56 -7.97 -36.59
CA ILE C 198 -8.65 -6.88 -36.23
C ILE C 198 -8.93 -5.67 -37.09
N LEU C 199 -9.17 -5.87 -38.38
CA LEU C 199 -9.48 -4.75 -39.26
C LEU C 199 -10.72 -4.01 -38.79
N ILE C 200 -11.80 -4.75 -38.51
CA ILE C 200 -13.05 -4.11 -38.07
C ILE C 200 -12.85 -3.40 -36.75
N LEU C 201 -12.19 -4.05 -35.78
CA LEU C 201 -12.04 -3.47 -34.46
C LEU C 201 -11.17 -2.21 -34.50
N TYR C 202 -10.07 -2.24 -35.26
CA TYR C 202 -9.22 -1.06 -35.30
C TYR C 202 -9.84 0.04 -36.16
N TYR C 203 -10.65 -0.30 -37.16
CA TYR C 203 -11.40 0.73 -37.87
C TYR C 203 -12.41 1.40 -36.95
N ARG C 204 -13.08 0.61 -36.10
CA ARG C 204 -13.99 1.20 -35.13
C ARG C 204 -13.25 2.08 -34.13
N ILE C 205 -12.06 1.65 -33.70
CA ILE C 205 -11.27 2.45 -32.78
C ILE C 205 -10.85 3.77 -33.43
N TYR C 206 -10.41 3.71 -34.69
CA TYR C 206 -10.02 4.92 -35.39
C TYR C 206 -11.20 5.85 -35.62
N HIS C 207 -12.38 5.29 -35.90
CA HIS C 207 -13.58 6.12 -36.02
C HIS C 207 -13.93 6.77 -34.69
N ALA C 208 -13.80 6.04 -33.59
CA ALA C 208 -14.14 6.58 -32.28
C ALA C 208 -13.11 7.58 -31.77
N ALA C 209 -11.88 7.53 -32.29
CA ALA C 209 -10.87 8.51 -31.89
C ALA C 209 -11.23 9.92 -32.34
N LYS C 210 -12.05 10.04 -33.40
CA LYS C 210 -12.49 11.35 -33.85
C LYS C 210 -13.41 12.01 -32.83
N SER C 211 -14.17 11.21 -32.07
CA SER C 211 -15.10 11.78 -31.10
C SER C 211 -14.38 12.61 -30.05
N LEU C 212 -13.11 12.32 -29.78
CA LEU C 212 -12.32 13.10 -28.86
C LEU C 212 -11.32 14.00 -29.57
N TYR C 213 -11.39 14.09 -30.90
CA TYR C 213 -10.53 14.97 -31.68
C TYR C 213 -11.24 16.16 -32.27
N GLN C 214 -12.51 16.01 -32.66
CA GLN C 214 -13.26 17.08 -33.31
C GLN C 214 -14.47 17.52 -32.51
N LYS C 215 -15.26 16.58 -31.99
CA LYS C 215 -16.44 16.94 -31.21
C LYS C 215 -16.08 17.57 -29.87
N ARG C 216 -14.83 17.45 -29.44
CA ARG C 216 -14.38 18.13 -28.23
C ARG C 216 -13.85 19.53 -28.51
N GLY C 217 -13.06 19.68 -29.57
CA GLY C 217 -12.52 20.97 -29.94
C GLY C 217 -12.93 21.42 -31.33
N ARG C 285 -3.65 14.63 -31.25
CA ARG C 285 -3.65 14.89 -32.68
C ARG C 285 -3.96 13.62 -33.46
N GLU C 286 -4.78 13.78 -34.51
CA GLU C 286 -5.20 12.63 -35.31
C GLU C 286 -4.03 11.96 -36.01
N ARG C 287 -2.94 12.68 -36.27
CA ARG C 287 -1.80 12.11 -36.98
C ARG C 287 -1.18 10.98 -36.17
N LYS C 288 -1.01 11.16 -34.86
CA LYS C 288 -0.38 10.14 -34.04
C LYS C 288 -1.19 8.85 -34.03
N ALA C 289 -2.49 8.97 -33.74
CA ALA C 289 -3.35 7.78 -33.69
C ALA C 289 -3.43 7.11 -35.05
N ALA C 290 -3.56 7.90 -36.12
CA ALA C 290 -3.60 7.33 -37.46
C ALA C 290 -2.32 6.57 -37.77
N ARG C 291 -1.16 7.15 -37.44
CA ARG C 291 0.10 6.48 -37.72
C ARG C 291 0.23 5.19 -36.91
N ILE C 292 -0.17 5.21 -35.64
CA ILE C 292 -0.03 4.01 -34.81
C ILE C 292 -0.94 2.90 -35.33
N LEU C 293 -2.21 3.21 -35.59
CA LEU C 293 -3.12 2.18 -36.06
C LEU C 293 -2.72 1.67 -37.43
N GLY C 294 -2.26 2.58 -38.32
CA GLY C 294 -1.78 2.16 -39.61
C GLY C 294 -0.57 1.25 -39.51
N LEU C 295 0.34 1.54 -38.57
CA LEU C 295 1.51 0.70 -38.40
C LEU C 295 1.13 -0.69 -37.89
N ILE C 296 0.20 -0.75 -36.92
CA ILE C 296 -0.24 -2.04 -36.41
C ILE C 296 -0.87 -2.86 -37.53
N LEU C 297 -1.82 -2.27 -38.25
CA LEU C 297 -2.49 -2.98 -39.32
C LEU C 297 -1.53 -3.35 -40.44
N GLY C 298 -0.58 -2.47 -40.75
CA GLY C 298 0.36 -2.76 -41.81
C GLY C 298 1.30 -3.90 -41.47
N ALA C 299 1.80 -3.94 -40.23
CA ALA C 299 2.63 -5.06 -39.82
C ALA C 299 1.84 -6.37 -39.89
N PHE C 300 0.61 -6.36 -39.36
CA PHE C 300 -0.19 -7.58 -39.36
C PHE C 300 -0.51 -8.05 -40.76
N ILE C 301 -0.86 -7.13 -41.66
CA ILE C 301 -1.24 -7.50 -43.02
C ILE C 301 -0.04 -7.72 -43.94
N LEU C 302 1.15 -7.27 -43.53
CA LEU C 302 2.34 -7.47 -44.33
C LEU C 302 3.08 -8.74 -43.96
N SER C 303 2.93 -9.23 -42.73
CA SER C 303 3.65 -10.45 -42.40
C SER C 303 2.90 -11.72 -42.79
N TRP C 304 1.68 -11.89 -42.30
CA TRP C 304 0.98 -13.16 -42.45
C TRP C 304 0.03 -13.20 -43.63
N LEU C 305 -0.10 -12.14 -44.40
CA LEU C 305 -0.95 -12.23 -45.58
C LEU C 305 -0.24 -12.94 -46.75
N PRO C 306 1.03 -12.64 -47.04
CA PRO C 306 1.71 -13.38 -48.12
C PRO C 306 1.75 -14.88 -47.88
N PHE C 307 2.05 -15.30 -46.65
CA PHE C 307 2.13 -16.73 -46.39
C PHE C 307 0.79 -17.41 -46.60
N PHE C 308 -0.30 -16.78 -46.17
CA PHE C 308 -1.59 -17.45 -46.29
C PHE C 308 -2.17 -17.37 -47.71
N ILE C 309 -1.87 -16.31 -48.47
CA ILE C 309 -2.27 -16.34 -49.87
C ILE C 309 -1.47 -17.41 -50.62
N LYS C 310 -0.20 -17.59 -50.25
CA LYS C 310 0.56 -18.71 -50.81
C LYS C 310 -0.06 -20.04 -50.39
N GLU C 311 -0.50 -20.14 -49.14
CA GLU C 311 -1.15 -21.36 -48.67
C GLU C 311 -2.38 -21.67 -49.51
N LEU C 312 -3.21 -20.67 -49.80
CA LEU C 312 -4.38 -20.89 -50.62
C LEU C 312 -4.00 -21.30 -52.04
N ILE C 313 -3.06 -20.58 -52.65
CA ILE C 313 -2.72 -20.88 -54.04
C ILE C 313 -2.02 -22.22 -54.20
N VAL C 314 -1.43 -22.75 -53.13
CA VAL C 314 -0.86 -24.10 -53.21
C VAL C 314 -1.82 -25.18 -52.73
N GLY C 315 -2.81 -24.83 -51.91
CA GLY C 315 -3.83 -25.79 -51.54
C GLY C 315 -4.93 -25.96 -52.55
N LEU C 316 -5.10 -25.01 -53.46
CA LEU C 316 -6.01 -25.15 -54.59
C LEU C 316 -5.28 -25.54 -55.87
N SER C 317 -4.00 -25.88 -55.77
CA SER C 317 -3.19 -26.34 -56.90
C SER C 317 -3.20 -25.33 -58.04
N ILE C 318 -3.09 -24.04 -57.69
CA ILE C 318 -3.09 -22.99 -58.71
C ILE C 318 -1.69 -22.82 -59.30
N TYR C 319 -0.74 -22.42 -58.46
CA TYR C 319 0.64 -22.21 -58.88
C TYR C 319 1.57 -23.08 -58.04
N THR C 320 2.72 -23.41 -58.62
CA THR C 320 3.77 -24.10 -57.88
C THR C 320 4.53 -23.12 -57.00
N VAL C 321 5.13 -23.63 -55.94
CA VAL C 321 5.88 -22.83 -54.98
C VAL C 321 7.28 -23.39 -54.85
N SER C 322 8.28 -22.52 -54.91
CA SER C 322 9.67 -22.92 -54.75
C SER C 322 10.06 -22.85 -53.28
N SER C 323 11.16 -23.53 -52.95
CA SER C 323 11.63 -23.56 -51.56
C SER C 323 12.03 -22.18 -51.06
N GLU C 324 12.65 -21.38 -51.92
CA GLU C 324 13.10 -20.05 -51.51
C GLU C 324 11.93 -19.17 -51.11
N VAL C 325 10.93 -19.04 -51.98
CA VAL C 325 9.77 -18.22 -51.64
C VAL C 325 9.00 -18.84 -50.48
N ALA C 326 8.94 -20.18 -50.43
CA ALA C 326 8.18 -20.84 -49.38
C ALA C 326 8.77 -20.53 -48.00
N ASP C 327 10.07 -20.75 -47.82
CA ASP C 327 10.64 -20.50 -46.50
C ASP C 327 10.84 -19.01 -46.23
N PHE C 328 10.98 -18.17 -47.25
CA PHE C 328 11.00 -16.73 -47.00
C PHE C 328 9.66 -16.26 -46.44
N LEU C 329 8.55 -16.70 -47.06
CA LEU C 329 7.23 -16.37 -46.54
C LEU C 329 7.00 -17.01 -45.18
N THR C 330 7.57 -18.19 -44.94
CA THR C 330 7.48 -18.82 -43.63
C THR C 330 8.15 -17.97 -42.57
N TRP C 331 9.36 -17.48 -42.86
CA TRP C 331 10.09 -16.66 -41.90
C TRP C 331 9.56 -15.24 -41.82
N LEU C 332 8.71 -14.83 -42.74
CA LEU C 332 8.01 -13.56 -42.58
C LEU C 332 7.18 -13.55 -41.30
N GLY C 333 6.53 -14.67 -40.99
CA GLY C 333 5.79 -14.77 -39.74
C GLY C 333 6.68 -14.68 -38.52
N TYR C 334 7.88 -15.27 -38.60
CA TYR C 334 8.81 -15.15 -37.49
C TYR C 334 9.35 -13.73 -37.35
N VAL C 335 9.46 -13.01 -38.46
CA VAL C 335 9.80 -11.59 -38.38
C VAL C 335 8.69 -10.81 -37.69
N ASN C 336 7.44 -11.17 -37.96
CA ASN C 336 6.33 -10.60 -37.20
C ASN C 336 6.48 -10.94 -35.71
N SER C 337 6.86 -12.17 -35.41
CA SER C 337 7.08 -12.56 -34.03
C SER C 337 8.13 -11.67 -33.39
N LEU C 338 9.18 -11.34 -34.14
CA LEU C 338 10.22 -10.45 -33.63
C LEU C 338 9.65 -9.06 -33.35
N ILE C 339 8.93 -8.49 -34.32
CA ILE C 339 8.47 -7.10 -34.18
C ILE C 339 7.28 -6.96 -33.25
N ASN C 340 6.63 -8.06 -32.88
CA ASN C 340 5.41 -7.98 -32.10
C ASN C 340 5.58 -7.32 -30.73
N PRO C 341 6.54 -7.73 -29.89
CA PRO C 341 6.67 -7.05 -28.58
C PRO C 341 7.00 -5.58 -28.72
N LEU C 342 7.86 -5.22 -29.66
CA LEU C 342 8.17 -3.81 -29.87
C LEU C 342 6.92 -3.03 -30.23
N LEU C 343 6.15 -3.54 -31.18
CA LEU C 343 4.97 -2.82 -31.65
C LEU C 343 3.92 -2.70 -30.55
N TYR C 344 3.70 -3.77 -29.79
CA TYR C 344 2.60 -3.81 -28.83
C TYR C 344 3.02 -3.38 -27.43
N THR C 345 4.27 -2.98 -27.24
CA THR C 345 4.72 -2.54 -25.93
C THR C 345 5.36 -1.16 -25.95
N SER C 346 6.09 -0.82 -27.02
CA SER C 346 6.87 0.41 -27.08
C SER C 346 6.02 1.67 -27.13
N PHE C 347 4.70 1.56 -27.29
CA PHE C 347 3.82 2.70 -27.41
C PHE C 347 3.18 3.10 -26.09
N ASN C 348 3.64 2.54 -24.98
CA ASN C 348 3.13 2.88 -23.65
C ASN C 348 4.26 3.47 -22.82
N GLU C 349 3.99 4.64 -22.22
CA GLU C 349 4.98 5.27 -21.35
C GLU C 349 5.21 4.44 -20.09
N ASP C 350 4.19 3.72 -19.63
CA ASP C 350 4.38 2.83 -18.48
C ASP C 350 5.38 1.72 -18.81
N PHE C 351 5.22 1.10 -19.98
CA PHE C 351 6.19 0.10 -20.40
C PHE C 351 7.56 0.72 -20.65
N LYS C 352 7.60 1.96 -21.14
CA LYS C 352 8.87 2.63 -21.37
C LYS C 352 9.63 2.85 -20.06
N LEU C 353 8.92 3.32 -19.03
CA LEU C 353 9.58 3.52 -17.74
C LEU C 353 9.94 2.18 -17.10
N ALA C 354 9.12 1.15 -17.32
CA ALA C 354 9.49 -0.19 -16.85
C ALA C 354 10.80 -0.64 -17.50
N PHE C 355 10.93 -0.43 -18.81
CA PHE C 355 12.16 -0.78 -19.50
C PHE C 355 13.34 0.02 -18.97
N LYS C 356 13.14 1.32 -18.73
CA LYS C 356 14.21 2.15 -18.19
C LYS C 356 14.65 1.64 -16.82
N LYS C 357 13.70 1.23 -15.98
CA LYS C 357 14.04 0.65 -14.68
C LYS C 357 14.80 -0.66 -14.86
N LEU C 358 14.39 -1.48 -15.83
CA LEU C 358 15.00 -2.79 -16.01
C LEU C 358 16.34 -2.75 -16.74
N ILE C 359 16.71 -1.63 -17.35
CA ILE C 359 17.99 -1.51 -18.02
C ILE C 359 19.02 -0.78 -17.16
N ARG C 360 18.74 -0.60 -15.88
CA ARG C 360 19.67 0.06 -14.98
C ARG C 360 20.28 -0.86 -13.93
N CYS C 361 19.60 -1.95 -13.58
CA CYS C 361 20.10 -2.88 -12.58
C CYS C 361 21.26 -3.71 -13.14
N GLN D 3 -19.84 -11.91 25.69
CA GLN D 3 -20.82 -12.74 26.38
C GLN D 3 -21.28 -13.90 25.51
N LEU D 4 -20.76 -15.10 25.80
CA LEU D 4 -21.09 -16.32 25.08
C LEU D 4 -22.05 -17.15 25.91
N VAL D 5 -23.14 -17.62 25.29
CA VAL D 5 -24.06 -18.52 25.98
C VAL D 5 -24.47 -19.64 25.04
N GLU D 6 -24.45 -20.87 25.54
CA GLU D 6 -24.74 -22.04 24.74
C GLU D 6 -26.09 -22.65 25.14
N SER D 7 -26.61 -23.48 24.23
CA SER D 7 -27.88 -24.16 24.46
C SER D 7 -27.94 -25.39 23.56
N GLY D 8 -28.88 -26.27 23.87
CA GLY D 8 -29.09 -27.48 23.10
C GLY D 8 -28.72 -28.77 23.78
N GLY D 9 -28.34 -28.74 25.05
CA GLY D 9 -27.96 -29.93 25.77
C GLY D 9 -29.14 -30.61 26.44
N GLY D 10 -28.82 -31.63 27.24
CA GLY D 10 -29.82 -32.39 27.95
C GLY D 10 -29.71 -33.88 27.77
N LEU D 11 -30.79 -34.60 28.03
CA LEU D 11 -30.80 -36.05 27.88
C LEU D 11 -30.95 -36.43 26.42
N VAL D 12 -30.16 -37.40 25.97
CA VAL D 12 -30.19 -37.89 24.60
C VAL D 12 -30.04 -39.40 24.62
N GLN D 13 -30.82 -40.07 23.77
CA GLN D 13 -30.67 -41.51 23.62
C GLN D 13 -29.35 -41.82 22.93
N PRO D 14 -28.60 -42.81 23.41
CA PRO D 14 -27.33 -43.16 22.75
C PRO D 14 -27.55 -43.53 21.29
N GLY D 15 -26.61 -43.11 20.45
CA GLY D 15 -26.74 -43.28 19.01
C GLY D 15 -27.55 -42.21 18.32
N GLY D 16 -28.04 -41.21 19.05
CA GLY D 16 -28.83 -40.14 18.48
C GLY D 16 -27.97 -39.01 17.94
N SER D 17 -28.64 -37.87 17.71
CA SER D 17 -27.98 -36.69 17.18
C SER D 17 -28.49 -35.46 17.93
N ARG D 18 -27.59 -34.51 18.16
CA ARG D 18 -27.94 -33.30 18.88
C ARG D 18 -27.16 -32.10 18.35
N LYS D 19 -27.82 -30.95 18.36
CA LYS D 19 -27.24 -29.70 17.85
C LYS D 19 -26.99 -28.75 19.01
N LEU D 20 -25.76 -28.26 19.13
CA LEU D 20 -25.37 -27.33 20.17
C LEU D 20 -25.18 -25.95 19.54
N SER D 21 -25.88 -24.96 20.07
CA SER D 21 -25.86 -23.60 19.53
C SER D 21 -25.21 -22.65 20.52
N CYS D 22 -24.20 -21.92 20.06
CA CYS D 22 -23.46 -20.95 20.86
C CYS D 22 -23.76 -19.56 20.31
N SER D 23 -24.52 -18.77 21.06
CA SER D 23 -24.84 -17.41 20.67
C SER D 23 -23.88 -16.45 21.35
N ALA D 24 -23.31 -15.55 20.57
CA ALA D 24 -22.31 -14.59 21.02
C ALA D 24 -22.86 -13.18 20.89
N SER D 25 -22.54 -12.33 21.87
CA SER D 25 -23.00 -10.96 21.85
C SER D 25 -22.01 -10.08 22.61
N GLY D 26 -21.45 -9.09 21.93
CA GLY D 26 -20.53 -8.16 22.54
C GLY D 26 -19.13 -8.15 21.99
N PHE D 27 -18.86 -8.85 20.89
CA PHE D 27 -17.54 -8.84 20.29
C PHE D 27 -17.64 -9.20 18.82
N ALA D 28 -16.57 -8.91 18.09
CA ALA D 28 -16.52 -9.16 16.64
C ALA D 28 -16.36 -10.67 16.40
N PHE D 29 -17.48 -11.36 16.19
CA PHE D 29 -17.44 -12.80 15.98
C PHE D 29 -16.68 -13.17 14.71
N SER D 30 -16.70 -12.28 13.71
CA SER D 30 -16.12 -12.62 12.41
C SER D 30 -14.62 -12.85 12.51
N SER D 31 -13.93 -12.03 13.30
CA SER D 31 -12.47 -12.09 13.43
C SER D 31 -12.01 -12.98 14.58
N PHE D 32 -12.93 -13.66 15.25
CA PHE D 32 -12.61 -14.50 16.39
C PHE D 32 -12.73 -15.97 16.01
N GLY D 33 -11.61 -16.69 16.09
CA GLY D 33 -11.69 -18.14 16.02
C GLY D 33 -12.45 -18.70 17.21
N MET D 34 -13.17 -19.79 16.97
CA MET D 34 -13.98 -20.39 18.00
C MET D 34 -13.54 -21.84 18.23
N HIS D 35 -13.72 -22.32 19.45
CA HIS D 35 -13.40 -23.68 19.81
C HIS D 35 -14.63 -24.34 20.41
N TRP D 36 -14.44 -25.57 20.86
CA TRP D 36 -15.48 -26.31 21.57
C TRP D 36 -14.73 -27.29 22.47
N VAL D 37 -14.80 -27.08 23.78
CA VAL D 37 -14.05 -27.88 24.74
C VAL D 37 -15.02 -28.51 25.71
N ARG D 38 -15.00 -29.84 25.79
CA ARG D 38 -15.92 -30.54 26.69
C ARG D 38 -15.20 -30.99 27.94
N GLN D 39 -15.95 -31.04 29.04
CA GLN D 39 -15.45 -31.49 30.32
C GLN D 39 -16.35 -32.60 30.84
N ALA D 40 -15.76 -33.75 31.15
CA ALA D 40 -16.51 -34.85 31.70
C ALA D 40 -17.05 -34.46 33.08
N PRO D 41 -18.16 -35.08 33.51
CA PRO D 41 -18.74 -34.71 34.81
C PRO D 41 -17.80 -34.87 35.99
N GLU D 42 -16.73 -35.65 35.85
CA GLU D 42 -15.73 -35.78 36.89
C GLU D 42 -14.30 -35.57 36.42
N LYS D 43 -14.01 -35.72 35.14
CA LYS D 43 -12.64 -35.59 34.63
C LYS D 43 -12.35 -34.15 34.22
N GLY D 44 -11.14 -33.93 33.74
CA GLY D 44 -10.71 -32.60 33.33
C GLY D 44 -11.17 -32.25 31.93
N LEU D 45 -10.80 -31.03 31.52
CA LEU D 45 -11.20 -30.52 30.22
C LEU D 45 -10.53 -31.32 29.10
N GLU D 46 -11.25 -31.44 27.98
CA GLU D 46 -10.74 -32.13 26.80
C GLU D 46 -11.22 -31.39 25.57
N TRP D 47 -10.28 -30.95 24.73
CA TRP D 47 -10.62 -30.21 23.53
C TRP D 47 -11.37 -31.10 22.55
N VAL D 48 -12.35 -30.52 21.86
CA VAL D 48 -13.26 -31.27 21.00
C VAL D 48 -13.21 -30.78 19.55
N ALA D 49 -13.38 -29.47 19.34
CA ALA D 49 -13.46 -28.98 17.97
C ALA D 49 -12.91 -27.57 17.90
N TYR D 50 -12.59 -27.14 16.67
CA TYR D 50 -12.08 -25.80 16.43
C TYR D 50 -12.45 -25.35 15.03
N ILE D 51 -12.90 -24.10 14.92
CA ILE D 51 -13.16 -23.46 13.64
C ILE D 51 -12.47 -22.10 13.65
N SER D 52 -11.89 -21.72 12.52
CA SER D 52 -11.12 -20.50 12.44
C SER D 52 -12.03 -19.31 12.14
N SER D 53 -11.44 -18.17 11.84
CA SER D 53 -12.20 -17.00 11.41
C SER D 53 -12.51 -17.13 9.93
N GLY D 54 -13.78 -16.95 9.57
CA GLY D 54 -14.21 -17.18 8.21
C GLY D 54 -14.44 -18.63 7.85
N SER D 55 -14.34 -19.53 8.83
CA SER D 55 -14.58 -20.96 8.64
C SER D 55 -13.62 -21.60 7.65
N GLY D 56 -12.48 -20.95 7.39
CA GLY D 56 -11.51 -21.50 6.45
C GLY D 56 -10.73 -22.68 6.97
N THR D 57 -10.62 -22.83 8.28
CA THR D 57 -9.86 -23.91 8.90
C THR D 57 -10.70 -24.57 9.98
N ILE D 58 -10.81 -25.89 9.92
CA ILE D 58 -11.62 -26.66 10.85
C ILE D 58 -10.81 -27.86 11.32
N TYR D 59 -10.80 -28.10 12.62
CA TYR D 59 -10.09 -29.23 13.22
C TYR D 59 -10.99 -29.92 14.24
N TYR D 60 -10.75 -31.21 14.43
CA TYR D 60 -11.51 -32.02 15.38
C TYR D 60 -10.56 -32.88 16.19
N ALA D 61 -11.03 -33.29 17.37
CA ALA D 61 -10.28 -34.23 18.18
C ALA D 61 -10.26 -35.60 17.51
N ASP D 62 -9.08 -36.23 17.53
CA ASP D 62 -8.92 -37.53 16.88
C ASP D 62 -9.80 -38.60 17.50
N THR D 63 -10.18 -38.43 18.78
CA THR D 63 -11.10 -39.38 19.40
C THR D 63 -12.48 -39.31 18.75
N VAL D 64 -12.92 -38.11 18.37
CA VAL D 64 -14.26 -37.89 17.84
C VAL D 64 -14.21 -37.30 16.43
N LYS D 65 -13.13 -37.55 15.70
CA LYS D 65 -13.00 -37.01 14.34
C LYS D 65 -14.08 -37.56 13.43
N GLY D 66 -14.72 -36.67 12.68
CA GLY D 66 -15.72 -37.07 11.71
C GLY D 66 -17.11 -37.28 12.26
N ARG D 67 -17.27 -37.43 13.57
CA ARG D 67 -18.59 -37.56 14.17
C ARG D 67 -19.23 -36.22 14.47
N PHE D 68 -18.46 -35.14 14.51
CA PHE D 68 -18.95 -33.81 14.83
C PHE D 68 -18.75 -32.89 13.63
N THR D 69 -19.64 -31.92 13.49
CA THR D 69 -19.55 -30.92 12.43
C THR D 69 -19.72 -29.54 13.04
N ILE D 70 -18.68 -28.72 12.96
CA ILE D 70 -18.67 -27.39 13.57
C ILE D 70 -18.75 -26.34 12.46
N SER D 71 -19.68 -25.40 12.61
CA SER D 71 -19.96 -24.42 11.58
C SER D 71 -20.19 -23.06 12.22
N ARG D 72 -20.02 -22.01 11.42
CA ARG D 72 -20.16 -20.63 11.87
C ARG D 72 -21.22 -19.92 11.04
N ASP D 73 -21.94 -19.00 11.68
CA ASP D 73 -22.88 -18.11 11.02
C ASP D 73 -22.56 -16.70 11.52
N ASP D 74 -21.62 -16.05 10.86
CA ASP D 74 -21.24 -14.69 11.25
C ASP D 74 -22.39 -13.70 11.11
N PRO D 75 -23.15 -13.66 9.99
CA PRO D 75 -24.31 -12.76 9.97
C PRO D 75 -25.32 -13.07 11.05
N LYS D 76 -25.52 -14.35 11.37
CA LYS D 76 -26.34 -14.73 12.52
C LYS D 76 -25.58 -14.65 13.83
N ASN D 77 -24.24 -14.56 13.78
CA ASN D 77 -23.39 -14.47 14.97
C ASN D 77 -23.63 -15.66 15.90
N THR D 78 -23.52 -16.87 15.34
CA THR D 78 -23.80 -18.06 16.12
C THR D 78 -22.92 -19.21 15.63
N LEU D 79 -22.40 -19.98 16.58
CA LEU D 79 -21.52 -21.10 16.30
C LEU D 79 -22.25 -22.41 16.62
N PHE D 80 -22.38 -23.27 15.61
CA PHE D 80 -23.15 -24.50 15.74
C PHE D 80 -22.23 -25.70 15.72
N LEU D 81 -22.60 -26.72 16.49
CA LEU D 81 -21.88 -28.00 16.48
C LEU D 81 -22.90 -29.12 16.45
N GLN D 82 -22.88 -29.91 15.38
CA GLN D 82 -23.80 -31.02 15.16
C GLN D 82 -23.11 -32.32 15.53
N MET D 83 -23.75 -33.09 16.40
CA MET D 83 -23.23 -34.37 16.89
C MET D 83 -24.12 -35.49 16.39
N THR D 84 -23.49 -36.52 15.83
CA THR D 84 -24.19 -37.70 15.33
C THR D 84 -23.57 -38.96 15.92
N SER D 85 -24.44 -39.92 16.25
CA SER D 85 -24.02 -41.23 16.77
C SER D 85 -23.19 -41.09 18.04
N LEU D 86 -23.83 -40.57 19.07
CA LEU D 86 -23.16 -40.36 20.36
C LEU D 86 -22.88 -41.68 21.05
N ARG D 87 -21.76 -41.75 21.75
CA ARG D 87 -21.46 -42.86 22.63
C ARG D 87 -21.73 -42.45 24.08
N SER D 88 -21.80 -43.45 24.96
CA SER D 88 -22.08 -43.19 26.36
C SER D 88 -20.99 -42.34 27.01
N GLU D 89 -19.76 -42.43 26.51
CA GLU D 89 -18.67 -41.62 27.04
C GLU D 89 -18.73 -40.18 26.58
N ASP D 90 -19.64 -39.84 25.67
CA ASP D 90 -19.69 -38.50 25.09
C ASP D 90 -20.35 -37.51 26.05
N THR D 91 -21.05 -37.99 27.09
CA THR D 91 -21.67 -37.10 28.05
C THR D 91 -20.63 -36.19 28.70
N ALA D 92 -20.95 -34.89 28.74
CA ALA D 92 -20.01 -33.88 29.22
C ALA D 92 -20.72 -32.53 29.22
N MET D 93 -20.05 -31.54 29.78
CA MET D 93 -20.48 -30.14 29.69
C MET D 93 -19.59 -29.45 28.68
N TYR D 94 -20.19 -28.84 27.66
CA TYR D 94 -19.47 -28.26 26.55
C TYR D 94 -19.32 -26.75 26.74
N TYR D 95 -18.12 -26.25 26.50
CA TYR D 95 -17.78 -24.85 26.66
C TYR D 95 -17.43 -24.26 25.31
N CYS D 96 -18.10 -23.17 24.97
CA CYS D 96 -17.81 -22.37 23.79
C CYS D 96 -16.68 -21.41 24.11
N VAL D 97 -15.54 -21.54 23.44
CA VAL D 97 -14.32 -20.83 23.81
C VAL D 97 -13.90 -19.91 22.68
N ARG D 98 -13.80 -18.63 22.99
CA ARG D 98 -13.30 -17.62 22.05
C ARG D 98 -11.78 -17.70 22.00
N SER D 99 -11.21 -17.39 20.84
CA SER D 99 -9.75 -17.33 20.71
C SER D 99 -9.41 -16.61 19.41
N ILE D 100 -8.60 -15.56 19.50
CA ILE D 100 -8.14 -14.82 18.33
C ILE D 100 -6.63 -14.96 18.25
N TYR D 101 -6.13 -15.24 17.05
CA TYR D 101 -4.71 -15.52 16.85
C TYR D 101 -4.10 -14.42 15.99
N TYR D 102 -3.21 -13.63 16.61
CA TYR D 102 -2.30 -12.75 15.91
C TYR D 102 -1.11 -12.53 16.82
N TYR D 103 -0.26 -11.56 16.49
CA TYR D 103 0.92 -11.32 17.30
C TYR D 103 0.51 -10.61 18.59
N GLY D 104 0.76 -11.25 19.72
CA GLY D 104 0.44 -10.67 21.01
C GLY D 104 -0.98 -10.88 21.48
N SER D 105 -1.80 -11.62 20.73
CA SER D 105 -3.16 -11.87 21.15
C SER D 105 -3.18 -12.88 22.30
N SER D 106 -4.35 -13.01 22.93
CA SER D 106 -4.56 -13.90 24.06
C SER D 106 -5.63 -14.92 23.69
N PRO D 107 -5.25 -16.06 23.12
CA PRO D 107 -6.24 -17.09 22.78
C PRO D 107 -6.86 -17.70 24.04
N PHE D 108 -8.07 -18.22 23.85
CA PHE D 108 -8.82 -18.90 24.91
C PHE D 108 -9.12 -17.95 26.07
N ASP D 109 -9.24 -16.66 25.79
CA ASP D 109 -9.39 -15.67 26.85
C ASP D 109 -10.78 -15.76 27.49
N PHE D 110 -11.83 -15.85 26.68
CA PHE D 110 -13.20 -15.90 27.19
C PHE D 110 -13.82 -17.25 26.90
N TRP D 111 -14.35 -17.88 27.94
CA TRP D 111 -15.03 -19.17 27.83
C TRP D 111 -16.51 -18.97 28.11
N GLY D 112 -17.35 -19.62 27.31
CA GLY D 112 -18.77 -19.57 27.54
C GLY D 112 -19.16 -20.27 28.83
N GLN D 113 -20.41 -20.07 29.22
CA GLN D 113 -20.91 -20.70 30.44
C GLN D 113 -21.01 -22.21 30.32
N GLY D 114 -21.06 -22.74 29.09
CA GLY D 114 -21.13 -24.18 28.89
C GLY D 114 -22.50 -24.75 29.16
N THR D 115 -22.87 -25.79 28.41
CA THR D 115 -24.14 -26.47 28.60
C THR D 115 -23.89 -27.96 28.79
N THR D 116 -24.63 -28.58 29.70
CA THR D 116 -24.45 -29.98 30.02
C THR D 116 -25.17 -30.86 29.01
N LEU D 117 -24.71 -32.10 28.89
CA LEU D 117 -25.33 -33.08 28.01
C LEU D 117 -25.04 -34.46 28.57
N THR D 118 -26.09 -35.17 28.96
CA THR D 118 -25.98 -36.51 29.54
C THR D 118 -26.60 -37.52 28.59
N VAL D 119 -25.92 -38.65 28.43
CA VAL D 119 -26.34 -39.72 27.54
C VAL D 119 -26.26 -41.04 28.29
N SER D 120 -27.25 -41.90 28.07
CA SER D 120 -27.32 -43.18 28.76
C SER D 120 -26.29 -44.16 28.19
N SER D 136 0.68 -39.97 19.07
CA SER D 136 1.74 -38.97 18.96
C SER D 136 1.28 -37.64 19.55
N ASP D 137 0.07 -37.63 20.11
CA ASP D 137 -0.45 -36.42 20.73
C ASP D 137 0.34 -36.07 21.98
N ILE D 138 0.62 -34.78 22.15
CA ILE D 138 1.36 -34.32 23.33
C ILE D 138 0.51 -34.56 24.56
N VAL D 139 1.06 -35.33 25.51
CA VAL D 139 0.38 -35.65 26.75
C VAL D 139 0.95 -34.77 27.85
N MET D 140 0.05 -34.11 28.59
CA MET D 140 0.44 -33.22 29.67
C MET D 140 0.08 -33.87 31.00
N THR D 141 1.08 -34.01 31.87
CA THR D 141 0.91 -34.64 33.17
C THR D 141 0.87 -33.57 34.25
N GLN D 142 -0.12 -33.67 35.13
CA GLN D 142 -0.37 -32.75 36.23
C GLN D 142 -0.64 -33.55 37.49
N ALA D 143 0.26 -34.49 37.78
CA ALA D 143 0.02 -35.53 38.79
C ALA D 143 -0.29 -34.97 40.16
N THR D 144 0.11 -33.73 40.46
CA THR D 144 -0.20 -33.11 41.74
C THR D 144 -1.68 -32.78 41.74
N SER D 145 -2.49 -33.79 42.12
CA SER D 145 -3.94 -33.68 41.96
C SER D 145 -4.56 -32.72 42.97
N SER D 146 -4.15 -32.80 44.24
CA SER D 146 -4.74 -31.98 45.29
C SER D 146 -3.63 -31.31 46.09
N VAL D 147 -3.80 -30.01 46.33
CA VAL D 147 -2.84 -29.25 47.13
C VAL D 147 -3.58 -28.56 48.28
N PRO D 148 -3.44 -29.04 49.52
CA PRO D 148 -4.05 -28.34 50.66
C PRO D 148 -3.31 -27.04 50.93
N VAL D 149 -4.05 -25.92 50.88
CA VAL D 149 -3.46 -24.60 50.99
C VAL D 149 -4.24 -23.78 52.00
N THR D 150 -3.60 -22.71 52.48
CA THR D 150 -4.18 -21.75 53.39
C THR D 150 -4.07 -20.36 52.80
N PRO D 151 -5.03 -19.47 53.08
CA PRO D 151 -4.97 -18.13 52.51
C PRO D 151 -3.72 -17.37 52.94
N GLY D 152 -3.22 -16.55 52.03
CA GLY D 152 -2.05 -15.73 52.31
C GLY D 152 -0.72 -16.43 52.12
N GLU D 153 -0.71 -17.65 51.63
CA GLU D 153 0.52 -18.41 51.43
C GLU D 153 0.71 -18.73 49.95
N SER D 154 1.96 -18.68 49.50
CA SER D 154 2.27 -18.98 48.11
C SER D 154 2.07 -20.47 47.82
N VAL D 155 1.81 -20.78 46.56
CA VAL D 155 1.61 -22.16 46.12
C VAL D 155 2.18 -22.30 44.71
N SER D 156 2.66 -23.50 44.39
CA SER D 156 3.24 -23.78 43.09
C SER D 156 2.60 -25.03 42.51
N ILE D 157 2.18 -24.94 41.25
CA ILE D 157 1.56 -26.04 40.52
C ILE D 157 2.46 -26.40 39.35
N SER D 158 2.79 -27.69 39.23
CA SER D 158 3.74 -28.15 38.23
C SER D 158 3.03 -28.95 37.14
N CYS D 159 3.38 -28.67 35.89
CA CYS D 159 2.87 -29.39 34.74
C CYS D 159 4.04 -29.86 33.90
N ARG D 160 3.88 -31.00 33.24
CA ARG D 160 4.95 -31.58 32.44
C ARG D 160 4.40 -31.97 31.07
N SER D 161 5.26 -31.88 30.05
CA SER D 161 4.88 -32.16 28.68
C SER D 161 5.78 -33.23 28.11
N SER D 162 5.21 -34.11 27.28
CA SER D 162 6.00 -35.13 26.61
C SER D 162 6.99 -34.52 25.64
N LYS D 163 6.55 -33.52 24.87
CA LYS D 163 7.40 -32.84 23.90
C LYS D 163 7.60 -31.40 24.33
N SER D 164 8.81 -30.89 24.13
CA SER D 164 9.10 -29.51 24.49
C SER D 164 8.22 -28.55 23.69
N LEU D 165 7.61 -27.61 24.40
CA LEU D 165 6.68 -26.66 23.79
C LEU D 165 7.37 -25.40 23.30
N LEU D 166 8.67 -25.25 23.56
CA LEU D 166 9.40 -24.07 23.09
C LEU D 166 9.60 -24.19 21.58
N HIS D 167 8.76 -23.48 20.82
CA HIS D 167 8.87 -23.52 19.37
C HIS D 167 10.09 -22.74 18.91
N SER D 168 10.45 -22.93 17.64
CA SER D 168 11.65 -22.31 17.09
C SER D 168 11.57 -20.79 17.08
N ASN D 169 10.37 -20.21 17.16
CA ASN D 169 10.21 -18.77 17.16
C ASN D 169 10.23 -18.17 18.56
N GLY D 170 10.47 -18.98 19.59
CA GLY D 170 10.62 -18.51 20.94
C GLY D 170 9.36 -18.58 21.79
N ASN D 171 8.19 -18.71 21.17
CA ASN D 171 6.94 -18.79 21.93
C ASN D 171 6.82 -20.16 22.57
N THR D 172 6.52 -20.17 23.88
CA THR D 172 6.29 -21.40 24.62
C THR D 172 4.78 -21.56 24.80
N TYR D 173 4.16 -22.31 23.90
CA TYR D 173 2.70 -22.41 23.83
C TYR D 173 2.20 -23.30 24.94
N LEU D 174 2.00 -22.71 26.12
CA LEU D 174 1.34 -23.40 27.23
C LEU D 174 0.45 -22.41 27.96
N TYR D 175 -0.79 -22.82 28.19
CA TYR D 175 -1.80 -21.96 28.80
C TYR D 175 -2.18 -22.54 30.16
N TRP D 176 -2.41 -21.66 31.12
CA TRP D 176 -2.91 -22.02 32.44
C TRP D 176 -4.30 -21.44 32.61
N PHE D 177 -5.27 -22.31 32.86
CA PHE D 177 -6.65 -21.92 33.10
C PHE D 177 -7.02 -22.26 34.55
N LEU D 178 -7.94 -21.49 35.10
CA LEU D 178 -8.46 -21.73 36.45
C LEU D 178 -9.97 -21.82 36.39
N GLN D 179 -10.51 -22.95 36.87
CA GLN D 179 -11.95 -23.18 36.91
C GLN D 179 -12.40 -23.17 38.36
N ARG D 180 -13.23 -22.19 38.70
CA ARG D 180 -13.81 -22.11 40.04
C ARG D 180 -14.92 -23.16 40.19
N PRO D 181 -15.17 -23.62 41.42
CA PRO D 181 -16.25 -24.60 41.62
C PRO D 181 -17.59 -24.02 41.23
N GLY D 182 -18.21 -24.65 40.23
CA GLY D 182 -19.50 -24.18 39.74
C GLY D 182 -19.44 -22.99 38.81
N GLN D 183 -18.28 -22.71 38.23
CA GLN D 183 -18.12 -21.60 37.32
C GLN D 183 -17.34 -22.05 36.09
N SER D 184 -17.59 -21.38 34.97
CA SER D 184 -16.88 -21.70 33.74
C SER D 184 -15.40 -21.34 33.88
N PRO D 185 -14.52 -22.07 33.20
CA PRO D 185 -13.09 -21.76 33.27
C PRO D 185 -12.79 -20.41 32.66
N GLN D 186 -11.72 -19.78 33.16
CA GLN D 186 -11.25 -18.52 32.64
C GLN D 186 -9.77 -18.61 32.36
N LEU D 187 -9.32 -17.90 31.34
CA LEU D 187 -7.89 -17.85 31.05
C LEU D 187 -7.16 -17.15 32.18
N LEU D 188 -6.06 -17.73 32.61
CA LEU D 188 -5.28 -17.21 33.73
C LEU D 188 -3.91 -16.73 33.28
N ILE D 189 -3.19 -17.55 32.50
CA ILE D 189 -1.88 -17.17 31.97
C ILE D 189 -1.75 -17.78 30.58
N TYR D 190 -1.32 -16.98 29.60
CA TYR D 190 -1.10 -17.49 28.26
C TYR D 190 0.37 -17.44 27.88
N ARG D 191 0.79 -18.47 27.14
CA ARG D 191 2.17 -18.62 26.66
C ARG D 191 3.19 -18.70 27.79
N MET D 192 2.76 -19.21 28.94
CA MET D 192 3.62 -19.61 30.05
C MET D 192 4.21 -18.39 30.76
N SER D 193 4.07 -17.23 30.19
CA SER D 193 4.61 -16.03 30.82
C SER D 193 3.61 -14.90 30.92
N ASN D 194 2.76 -14.72 29.93
CA ASN D 194 1.92 -13.53 29.86
C ASN D 194 0.68 -13.71 30.72
N LEU D 195 0.23 -12.61 31.32
CA LEU D 195 -0.94 -12.61 32.18
C LEU D 195 -2.14 -12.10 31.39
N ALA D 196 -3.25 -12.83 31.48
CA ALA D 196 -4.46 -12.41 30.78
C ALA D 196 -4.99 -11.11 31.38
N SER D 197 -5.67 -10.33 30.54
CA SER D 197 -6.15 -9.03 30.95
C SER D 197 -7.17 -9.16 32.07
N GLY D 198 -6.99 -8.35 33.13
CA GLY D 198 -7.88 -8.36 34.27
C GLY D 198 -7.54 -9.36 35.34
N VAL D 199 -6.58 -10.25 35.09
CA VAL D 199 -6.14 -11.24 36.08
C VAL D 199 -5.29 -10.54 37.13
N PRO D 200 -5.41 -10.89 38.40
CA PRO D 200 -4.55 -10.30 39.42
C PRO D 200 -3.08 -10.59 39.16
N ASP D 201 -2.23 -9.64 39.56
CA ASP D 201 -0.79 -9.74 39.34
C ASP D 201 -0.16 -10.87 40.15
N ARG D 202 -0.90 -11.46 41.09
CA ARG D 202 -0.37 -12.53 41.92
C ARG D 202 0.20 -13.67 41.09
N PHE D 203 -0.53 -14.08 40.06
CA PHE D 203 -0.15 -15.26 39.29
C PHE D 203 1.10 -15.00 38.45
N SER D 204 1.98 -15.99 38.41
CA SER D 204 3.17 -15.94 37.57
C SER D 204 3.39 -17.31 36.94
N GLY D 205 3.94 -17.31 35.73
CA GLY D 205 4.27 -18.54 35.04
C GLY D 205 5.76 -18.59 34.74
N SER D 206 6.32 -19.79 34.81
CA SER D 206 7.75 -19.97 34.56
C SER D 206 8.01 -21.41 34.15
N GLY D 207 9.25 -21.69 33.79
CA GLY D 207 9.63 -23.05 33.45
C GLY D 207 10.31 -23.17 32.11
N SER D 208 11.00 -24.29 31.90
CA SER D 208 11.68 -24.56 30.64
C SER D 208 10.66 -25.05 29.62
N GLY D 209 11.15 -25.58 28.49
CA GLY D 209 10.25 -26.05 27.46
C GLY D 209 9.53 -27.34 27.78
N THR D 210 9.91 -28.02 28.84
CA THR D 210 9.30 -29.30 29.19
C THR D 210 8.58 -29.28 30.53
N ALA D 211 9.18 -28.69 31.57
CA ALA D 211 8.57 -28.60 32.89
C ALA D 211 8.16 -27.15 33.14
N PHE D 212 6.93 -26.96 33.62
CA PHE D 212 6.35 -25.64 33.79
C PHE D 212 5.77 -25.51 35.20
N THR D 213 5.84 -24.29 35.73
CA THR D 213 5.35 -24.00 37.07
C THR D 213 4.47 -22.75 37.03
N LEU D 214 3.36 -22.81 37.76
CA LEU D 214 2.50 -21.67 38.00
C LEU D 214 2.56 -21.34 39.49
N THR D 215 2.94 -20.11 39.80
CA THR D 215 3.15 -19.67 41.18
C THR D 215 2.10 -18.63 41.54
N ILE D 216 1.45 -18.82 42.68
CA ILE D 216 0.49 -17.89 43.22
C ILE D 216 1.02 -17.35 44.54
N SER D 217 1.08 -16.03 44.67
CA SER D 217 1.53 -15.38 45.89
C SER D 217 0.37 -14.64 46.53
N ARG D 218 0.32 -14.65 47.86
CA ARG D 218 -0.78 -14.05 48.62
C ARG D 218 -2.12 -14.64 48.18
N LEU D 219 -2.27 -15.94 48.41
CA LEU D 219 -3.47 -16.66 48.01
C LEU D 219 -4.67 -16.20 48.84
N GLU D 220 -5.79 -15.95 48.16
CA GLU D 220 -7.05 -15.63 48.80
C GLU D 220 -8.12 -16.64 48.40
N ALA D 221 -9.30 -16.51 49.03
CA ALA D 221 -10.37 -17.48 48.85
C ALA D 221 -10.78 -17.62 47.39
N GLU D 222 -10.83 -16.52 46.65
CA GLU D 222 -11.20 -16.56 45.24
C GLU D 222 -10.30 -17.46 44.40
N ASP D 223 -9.19 -17.93 44.96
CA ASP D 223 -8.28 -18.82 44.26
C ASP D 223 -8.66 -20.28 44.33
N VAL D 224 -9.72 -20.63 45.08
CA VAL D 224 -10.12 -22.02 45.20
C VAL D 224 -10.65 -22.51 43.86
N GLY D 225 -10.20 -23.67 43.42
CA GLY D 225 -10.64 -24.23 42.16
C GLY D 225 -9.63 -25.23 41.62
N VAL D 226 -9.80 -25.52 40.33
CA VAL D 226 -8.97 -26.50 39.63
C VAL D 226 -8.19 -25.79 38.55
N TYR D 227 -6.87 -26.02 38.52
CA TYR D 227 -5.98 -25.39 37.55
C TYR D 227 -5.60 -26.41 36.49
N TYR D 228 -5.71 -25.99 35.23
CA TYR D 228 -5.46 -26.84 34.08
C TYR D 228 -4.35 -26.25 33.22
N CYS D 229 -3.47 -27.11 32.73
CA CYS D 229 -2.41 -26.72 31.81
C CYS D 229 -2.70 -27.30 30.44
N MET D 230 -2.86 -26.44 29.45
CA MET D 230 -3.13 -26.83 28.07
C MET D 230 -1.94 -26.49 27.20
N GLN D 231 -1.77 -27.24 26.12
CA GLN D 231 -0.72 -26.98 25.14
C GLN D 231 -1.36 -26.57 23.82
N HIS D 232 -0.87 -25.47 23.25
CA HIS D 232 -1.38 -24.97 21.98
C HIS D 232 -0.33 -25.09 20.86
N LEU D 233 0.69 -25.92 21.06
CA LEU D 233 1.74 -26.07 20.06
C LEU D 233 1.19 -26.65 18.77
N GLU D 234 0.33 -27.67 18.87
CA GLU D 234 -0.28 -28.27 17.70
C GLU D 234 -1.54 -29.00 18.12
N TYR D 235 -2.40 -29.27 17.14
CA TYR D 235 -3.66 -29.96 17.39
C TYR D 235 -3.46 -31.48 17.33
N PRO D 236 -4.17 -32.23 18.18
CA PRO D 236 -5.17 -31.74 19.14
C PRO D 236 -4.58 -31.11 20.39
N LEU D 237 -5.30 -30.13 20.94
CA LEU D 237 -4.89 -29.47 22.18
C LEU D 237 -5.29 -30.35 23.35
N THR D 238 -4.32 -30.68 24.20
CA THR D 238 -4.54 -31.60 25.31
C THR D 238 -4.35 -30.87 26.63
N PHE D 239 -5.32 -31.01 27.52
CA PHE D 239 -5.27 -30.41 28.84
C PHE D 239 -4.60 -31.36 29.82
N GLY D 240 -4.24 -30.81 30.98
CA GLY D 240 -3.73 -31.63 32.06
C GLY D 240 -4.86 -32.27 32.84
N ALA D 241 -4.47 -33.12 33.80
CA ALA D 241 -5.46 -33.76 34.65
C ALA D 241 -6.19 -32.74 35.53
N GLY D 242 -5.47 -31.72 35.99
CA GLY D 242 -6.07 -30.69 36.81
C GLY D 242 -5.65 -30.78 38.26
N THR D 243 -5.25 -29.65 38.85
CA THR D 243 -4.81 -29.60 40.24
C THR D 243 -5.86 -28.84 41.05
N LYS D 244 -6.36 -29.48 42.11
CA LYS D 244 -7.43 -28.91 42.91
C LYS D 244 -6.84 -28.28 44.17
N LEU D 245 -7.19 -27.03 44.43
CA LEU D 245 -6.69 -26.27 45.57
C LEU D 245 -7.80 -26.05 46.57
N GLU D 246 -7.57 -26.44 47.82
CA GLU D 246 -8.54 -26.21 48.89
C GLU D 246 -7.86 -26.33 50.26
N ARG E 13 6.11 42.69 19.72
CA ARG E 13 6.62 42.78 21.08
C ARG E 13 6.83 41.41 21.70
N LYS E 14 5.90 40.50 21.45
CA LYS E 14 6.04 39.13 21.96
C LYS E 14 7.26 38.47 21.36
N LEU E 15 7.54 38.78 20.09
CA LEU E 15 8.71 38.22 19.44
C LEU E 15 9.97 38.67 20.19
N VAL E 16 10.06 39.95 20.49
CA VAL E 16 11.22 40.47 21.21
C VAL E 16 11.30 39.84 22.59
N GLU E 17 10.14 39.61 23.20
CA GLU E 17 10.13 38.98 24.52
C GLU E 17 10.73 37.58 24.44
N GLN E 18 10.32 36.81 23.45
CA GLN E 18 10.87 35.47 23.27
C GLN E 18 12.36 35.59 23.06
N LEU E 19 12.76 36.55 22.25
CA LEU E 19 14.17 36.76 21.99
C LEU E 19 14.95 36.96 23.26
N LYS E 20 14.52 37.88 24.12
CA LYS E 20 15.33 38.14 25.30
C LYS E 20 15.44 36.90 26.18
N MET E 21 14.41 36.07 26.21
CA MET E 21 14.50 34.83 26.97
C MET E 21 15.47 33.86 26.32
N GLU E 22 15.48 33.78 25.00
CA GLU E 22 16.39 32.88 24.29
C GLU E 22 17.83 33.38 24.31
N ALA E 23 18.04 34.67 24.57
CA ALA E 23 19.39 35.21 24.67
C ALA E 23 20.02 35.03 26.04
N ASN E 24 19.26 34.52 27.02
CA ASN E 24 19.74 34.36 28.39
C ASN E 24 19.92 32.89 28.76
N ILE E 25 20.40 32.07 27.82
CA ILE E 25 20.64 30.66 28.08
C ILE E 25 22.14 30.40 28.07
N ASP E 26 22.56 29.40 28.85
CA ASP E 26 23.96 29.03 28.90
C ASP E 26 24.40 28.44 27.56
N ARG E 27 25.69 28.58 27.26
CA ARG E 27 26.25 28.17 25.99
C ARG E 27 27.31 27.09 26.21
N ILE E 28 27.39 26.17 25.25
CA ILE E 28 28.39 25.11 25.25
C ILE E 28 29.20 25.24 23.97
N LYS E 29 30.52 25.23 24.10
CA LYS E 29 31.39 25.41 22.94
C LYS E 29 31.23 24.25 21.96
N VAL E 30 31.34 24.59 20.67
CA VAL E 30 31.16 23.58 19.62
C VAL E 30 32.21 22.48 19.73
N SER E 31 33.41 22.81 20.24
CA SER E 31 34.41 21.77 20.48
C SER E 31 33.91 20.75 21.48
N LYS E 32 33.32 21.22 22.59
CA LYS E 32 32.77 20.30 23.59
C LYS E 32 31.59 19.52 23.02
N ALA E 33 30.75 20.19 22.21
CA ALA E 33 29.61 19.52 21.60
C ALA E 33 30.06 18.37 20.69
N ALA E 34 31.05 18.65 19.83
CA ALA E 34 31.57 17.62 18.95
C ALA E 34 32.23 16.50 19.74
N ALA E 35 32.96 16.86 20.80
CA ALA E 35 33.58 15.84 21.63
C ALA E 35 32.54 14.92 22.25
N ASP E 36 31.45 15.50 22.76
CA ASP E 36 30.40 14.69 23.37
C ASP E 36 29.71 13.80 22.34
N LEU E 37 29.41 14.34 21.15
CA LEU E 37 28.77 13.53 20.12
C LEU E 37 29.67 12.39 19.68
N MET E 38 30.95 12.67 19.46
CA MET E 38 31.89 11.62 19.07
C MET E 38 32.03 10.58 20.18
N ALA E 39 32.06 11.02 21.44
CA ALA E 39 32.16 10.08 22.55
C ALA E 39 30.94 9.17 22.61
N TYR E 40 29.75 9.73 22.43
CA TYR E 40 28.54 8.90 22.42
C TYR E 40 28.58 7.90 21.27
N CYS E 41 28.90 8.36 20.07
CA CYS E 41 28.92 7.47 18.91
C CYS E 41 29.96 6.36 19.08
N GLU E 42 31.12 6.68 19.64
CA GLU E 42 32.15 5.66 19.83
C GLU E 42 31.78 4.69 20.95
N ALA E 43 31.13 5.20 22.01
CA ALA E 43 30.74 4.33 23.12
C ALA E 43 29.66 3.34 22.69
N HIS E 44 28.72 3.78 21.86
CA HIS E 44 27.64 2.90 21.42
C HIS E 44 27.87 2.32 20.04
N ALA E 45 29.11 2.40 19.53
CA ALA E 45 29.38 1.89 18.18
C ALA E 45 29.20 0.38 18.08
N LYS E 46 29.56 -0.36 19.14
CA LYS E 46 29.46 -1.82 19.09
C LYS E 46 28.01 -2.29 19.09
N GLU E 47 27.12 -1.58 19.79
CA GLU E 47 25.72 -1.97 19.91
C GLU E 47 24.85 -1.39 18.80
N ASP E 48 25.42 -1.11 17.64
CA ASP E 48 24.66 -0.60 16.50
C ASP E 48 24.61 -1.66 15.41
N PRO E 49 23.51 -2.39 15.26
CA PRO E 49 23.45 -3.41 14.20
C PRO E 49 23.54 -2.83 12.80
N LEU E 50 23.28 -1.54 12.62
CA LEU E 50 23.35 -0.95 11.29
C LEU E 50 24.79 -0.77 10.83
N LEU E 51 25.67 -0.30 11.73
CA LEU E 51 27.07 -0.11 11.37
C LEU E 51 27.76 -1.44 11.11
N THR E 52 27.62 -2.38 12.05
CA THR E 52 28.28 -3.67 11.94
C THR E 52 27.26 -4.72 11.50
N PRO E 53 27.41 -5.32 10.31
CA PRO E 53 26.45 -6.32 9.86
C PRO E 53 26.29 -7.46 10.87
N VAL E 54 25.11 -7.56 11.45
CA VAL E 54 24.85 -8.57 12.49
C VAL E 54 24.85 -9.96 11.85
N PRO E 55 25.43 -10.97 12.49
CA PRO E 55 25.37 -12.32 11.93
C PRO E 55 23.94 -12.82 11.84
N ALA E 56 23.68 -13.65 10.83
CA ALA E 56 22.32 -14.11 10.55
C ALA E 56 21.75 -14.99 11.65
N SER E 57 22.59 -15.50 12.56
CA SER E 57 22.08 -16.36 13.63
C SER E 57 21.16 -15.59 14.55
N GLU E 58 21.58 -14.42 15.01
CA GLU E 58 20.79 -13.57 15.89
C GLU E 58 20.12 -12.41 15.16
N ASN E 59 20.09 -12.45 13.83
CA ASN E 59 19.42 -11.41 13.06
C ASN E 59 17.95 -11.80 12.90
N PRO E 60 17.01 -11.06 13.48
CA PRO E 60 15.59 -11.43 13.35
C PRO E 60 15.06 -11.31 11.94
N PHE E 61 15.69 -10.52 11.09
CA PHE E 61 15.27 -10.38 9.69
C PHE E 61 16.20 -11.19 8.80
N ARG E 62 15.62 -12.06 7.99
CA ARG E 62 16.40 -12.94 7.13
C ARG E 62 15.82 -13.00 5.72
C1 CLR F . 8.30 1.51 -32.85
C2 CLR F . 8.62 2.47 -31.69
C3 CLR F . 9.79 1.99 -30.88
C4 CLR F . 11.00 1.82 -31.78
C5 CLR F . 10.72 0.91 -32.96
C6 CLR F . 11.49 -0.14 -33.21
C7 CLR F . 11.37 -1.01 -34.43
C8 CLR F . 10.44 -0.41 -35.48
C9 CLR F . 9.17 0.12 -34.79
C10 CLR F . 9.51 1.28 -33.80
C11 CLR F . 8.08 0.52 -35.81
C12 CLR F . 7.80 -0.57 -36.85
C13 CLR F . 9.08 -0.96 -37.59
C14 CLR F . 10.07 -1.45 -36.52
C15 CLR F . 11.17 -2.12 -37.33
C16 CLR F . 10.43 -2.81 -38.49
C17 CLR F . 8.99 -2.20 -38.53
C18 CLR F . 9.64 0.25 -38.38
C19 CLR F . 9.83 2.60 -34.55
C20 CLR F . 8.46 -2.04 -39.96
C21 CLR F . 6.95 -1.89 -40.04
C22 CLR F . 8.95 -3.18 -40.87
C23 CLR F . 8.13 -4.44 -40.84
C24 CLR F . 8.63 -5.49 -41.80
C25 CLR F . 7.73 -6.70 -42.00
C26 CLR F . 8.35 -7.71 -42.95
C27 CLR F . 7.38 -7.37 -40.68
O1 CLR F . 10.08 2.92 -29.83
C1 CLR G . -3.43 -15.91 -14.69
C2 CLR G . -2.65 -15.23 -13.57
C3 CLR G . -2.66 -13.73 -13.72
C4 CLR G . -2.26 -13.33 -15.13
C5 CLR G . -1.84 -14.51 -15.99
C6 CLR G . -0.67 -14.53 -16.59
C7 CLR G . -0.18 -15.63 -17.49
C8 CLR G . -1.27 -16.64 -17.84
C9 CLR G . -2.12 -16.92 -16.59
C10 CLR G . -2.85 -15.65 -16.09
C11 CLR G . -3.08 -18.11 -16.80
C12 CLR G . -2.37 -19.36 -17.32
C13 CLR G . -1.64 -19.08 -18.63
C14 CLR G . -0.64 -17.95 -18.33
C15 CLR G . 0.27 -17.91 -19.55
C16 CLR G . 0.34 -19.38 -20.03
C17 CLR G . -0.65 -20.18 -19.14
C18 CLR G . -2.63 -18.71 -19.74
C19 CLR G . -3.97 -15.22 -17.06
C20 CLR G . -1.18 -21.44 -19.83
C21 CLR G . -1.92 -22.39 -18.88
C22 CLR G . -0.04 -22.19 -20.55
C23 CLR G . -0.48 -23.37 -21.39
C24 CLR G . 0.66 -24.09 -22.08
C25 CLR G . 1.35 -23.34 -23.22
C26 CLR G . 2.56 -22.56 -22.72
C27 CLR G . 1.75 -24.28 -24.33
O1 CLR G . -3.97 -13.23 -13.44
C1 CLR H . -0.22 -12.93 -11.16
C2 CLR H . -1.19 -12.06 -10.36
C3 CLR H . -0.44 -11.13 -9.43
C4 CLR H . 0.51 -10.26 -10.24
C5 CLR H . 1.45 -11.09 -11.10
C6 CLR H . 2.76 -10.90 -11.05
C7 CLR H . 3.76 -11.57 -11.94
C8 CLR H . 3.11 -12.36 -13.07
C9 CLR H . 1.88 -13.11 -12.54
C10 CLR H . 0.79 -12.13 -12.00
C11 CLR H . 1.32 -14.09 -13.58
C12 CLR H . 2.38 -15.04 -14.13
C13 CLR H . 3.55 -14.28 -14.75
C14 CLR H . 4.11 -13.36 -13.65
C15 CLR H . 5.43 -12.85 -14.22
C16 CLR H . 5.98 -14.05 -15.01
C17 CLR H . 4.84 -15.10 -15.08
C18 CLR H . 3.10 -13.49 -15.99
C19 CLR H . 0.07 -11.38 -13.13
C20 CLR H . 4.92 -15.97 -16.35
C21 CLR H . 3.96 -17.16 -16.34
C22 CLR H . 6.37 -16.43 -16.58
C23 CLR H . 6.83 -16.53 -18.02
C24 CLR H . 6.27 -17.71 -18.78
C25 CLR H . 6.63 -19.09 -18.21
C26 CLR H . 5.98 -20.20 -19.01
C27 CLR H . 8.14 -19.28 -18.15
O1 CLR H . -1.36 -10.30 -8.71
C1 CLR I . -18.31 -11.88 -30.63
C2 CLR I . -18.65 -10.69 -29.74
C3 CLR I . -18.60 -11.06 -28.28
C4 CLR I . -17.23 -11.59 -27.94
C5 CLR I . -16.84 -12.76 -28.82
C6 CLR I . -16.44 -13.91 -28.29
C7 CLR I . -15.93 -15.08 -29.08
C8 CLR I . -15.68 -14.76 -30.54
C9 CLR I . -16.83 -13.88 -31.08
C10 CLR I . -16.94 -12.53 -30.33
C11 CLR I . -16.75 -13.70 -32.60
C12 CLR I . -16.64 -15.04 -33.35
C13 CLR I . -15.44 -15.85 -32.87
C14 CLR I . -15.60 -16.05 -31.36
C15 CLR I . -14.54 -17.09 -30.98
C16 CLR I . -14.45 -17.98 -32.23
C17 CLR I . -15.36 -17.35 -33.31
C18 CLR I . -14.12 -15.13 -33.23
C19 CLR I . -15.81 -11.55 -30.73
C20 CLR I . -14.94 -17.74 -34.74
C21 CLR I . -15.95 -17.34 -35.81
C22 CLR I . -14.64 -19.24 -34.82
C23 CLR I . -15.83 -20.15 -34.66
C24 CLR I . -15.49 -21.61 -34.74
C25 CLR I . -16.64 -22.58 -34.46
C26 CLR I . -17.18 -22.41 -33.05
C27 CLR I . -17.75 -22.43 -35.49
O1 CLR I . -18.89 -9.90 -27.48
N WOQ J . 4.29 -21.37 -40.13
C WOQ J . 4.65 -20.71 -41.38
C1 WOQ J . 4.75 -22.76 -40.13
C10 WOQ J . -1.71 -22.40 -40.86
C11 WOQ J . -0.37 -22.63 -41.12
C12 WOQ J . 0.08 -23.28 -42.40
C13 WOQ J . 0.64 -24.63 -42.09
C14 WOQ J . -0.02 -25.80 -42.45
C15 WOQ J . 0.50 -27.04 -42.09
C16 WOQ J . 1.67 -27.12 -41.38
C17 WOQ J . 2.35 -25.98 -41.02
C18 WOQ J . 1.84 -24.73 -41.37
C2 WOQ J . 4.06 -23.57 -41.22
C3 WOQ J . 2.58 -23.51 -40.97
C4 WOQ J . 2.04 -22.45 -40.39
C5 WOQ J . 2.85 -21.29 -39.90
C6 WOQ J . 0.60 -22.25 -40.16
C7 WOQ J . 0.17 -21.67 -38.97
C8 WOQ J . -1.17 -21.47 -38.73
C9 WOQ J . -2.12 -21.82 -39.66
#